data_8J8Q
#
_entry.id   8J8Q
#
_cell.length_a   71.634
_cell.length_b   89.173
_cell.length_c   128.072
_cell.angle_alpha   90.000
_cell.angle_beta   97.085
_cell.angle_gamma   90.000
#
_symmetry.space_group_name_H-M   'P 1 21 1'
#
loop_
_entity.id
_entity.type
_entity.pdbx_description
1 polymer 'CTR9-like protein'
2 polymer 'PAF1-like protein'
3 polymer 'RTF1-like protein'
4 polymer 'CDC73-like protein'
#
loop_
_entity_poly.entity_id
_entity_poly.type
_entity_poly.pdbx_seq_one_letter_code
_entity_poly.pdbx_strand_id
1 'polypeptide(L)'
;(MSE)ANTIKVEGYPS(MSE)EWPTSLDIPLKASEELVGIDLETDLPDDPTDLKTLLVEESSEKEHWLTIALAYCNHGKT
NEGIRLIE(MSE)ALDVFQNSERASLHTFLTWAHLNLAKGHSLSVETKEHELTQAELNLKDAIGFDPTWIGN(MSE)LAT
VELYYQRGHYDKALETSDLFVKSIHAEDHRSGRQSKPNCLFLLLRAKLLYQKKNYVASLKIFQELLVINPVLQPDPRIGI
GLCFWQLKDPK(MSE)AIKSWQRALQINSKNTSASILVLLGEFHNSLTDSTNDEVFKETFSKALSDLKNIFSENQNNPVL
LTLLQTYHYFKGDFQTVLDIYHHKILK(MSE)SPLIAKTVLSESSFWCGRAHYALGDYRKSFI(MSE)FQESLKKNEDNL
(MSE)ARLGLGQTQIKSNLLEESIITFENLYKTNESLQELNYILGLLYAGKTLDVKTSKSIPAKELNKLNEKALQYLERY
IKLTVAKKNQLIISRVYLVISQLYESQNQYKISLDFLSKALEE(MSE)EFVNKDEVPLEILNNLACYHFINGDLTKADNL
FEQAKAKVSD(MSE)NKSVNITLEYNIARTSEKTNWEKSESIYSQITSSHPSYISARIRNLYIKFAHSKINDSE(MSE)N
IEINGLLE(MSE)NKSDLE(MSE)RSFYGWYLKNSEERKNSEKSTSHNKETLVKYNSHDAYALISLANLYVTIARDGKKS
RNPKEQEKSKHSYLKAIQLYQKVLQIDPFNVFAAQGVAIIFAESKRLGPALEILRKIRDSLDNEDVQLNLAHCLLE
(MSE)REFGKAIENYELVLKKFDNERTRPHILNLLGRAWYSRG(MSE)KERSVSFFQKALENAKTALELFVQQSAKNKFI
HSVKFNIALLQFQIAETLRRSNPKFRTVQQIKDSLEGLEEGLALFKELNDLKEFN(MSE)IPKEELEQRIQLGETT
(MSE)KSALERSLNEQEEFEKDQ
;
C
2 'polypeptide(L)'
;S(MSE)SKKQEYIAPIKYQNSLPVPQLPPKLLAYPEAPETNPDSSQLINSLYVKTNISNLIQQDEDLG(MSE)PVDL
(MSE)KFPGLLNKLDSKLLYGFDNVKLDKDDRILLRDPRIDRLTKT
;
P
3 'polypeptide(L)'
;SKSDPFSRLKTRTKVYYQEIQKEENAKAKE(MSE)AQQEKLQEDRETKERREKELLLAQFRRLGGLER(MSE)IGELDIK
FDFKF
;
R
4 'polypeptide(L)'
;SGSAGNGLVPSDPVLAET(MSE)KNERVVQDHNSALRGARPINFGYLIKDAELKLVQSIKGSLRGSKLPPGHKGAHGRVS
KTNGS
;
A
#
# COMPACT_ATOMS: atom_id res chain seq x y z
N ALA A 2 7.71 50.82 13.54
CA ALA A 2 8.27 50.87 12.20
C ALA A 2 7.33 50.23 11.19
N ASN A 3 6.28 50.97 10.81
CA ASN A 3 5.32 50.51 9.82
C ASN A 3 5.77 50.82 8.39
N THR A 4 7.03 51.17 8.18
CA THR A 4 7.56 51.50 6.87
C THR A 4 8.82 50.68 6.61
N ILE A 5 8.97 50.23 5.36
CA ILE A 5 10.16 49.49 4.96
C ILE A 5 11.39 50.35 5.16
N LYS A 6 12.42 49.78 5.79
CA LYS A 6 13.69 50.47 6.00
C LYS A 6 14.82 49.50 5.72
N VAL A 7 15.58 49.75 4.65
CA VAL A 7 16.75 48.97 4.29
C VAL A 7 17.89 49.93 3.99
N GLU A 8 19.09 49.58 4.45
CA GLU A 8 20.27 50.42 4.20
C GLU A 8 20.54 50.52 2.72
N GLY A 9 20.60 51.75 2.21
CA GLY A 9 20.86 52.03 0.81
C GLY A 9 19.62 52.28 -0.01
N TYR A 10 18.47 51.72 0.40
CA TYR A 10 17.24 51.89 -0.34
C TYR A 10 16.59 53.24 -0.01
N PRO A 11 15.68 53.67 -0.86
CA PRO A 11 14.99 54.88 -0.65
C PRO A 11 14.16 54.82 0.58
N SER A 12 13.20 55.68 0.74
CA SER A 12 12.42 55.70 1.93
C SER A 12 11.19 56.42 1.62
N MSE A 13 10.07 55.95 2.09
CA MSE A 13 8.88 56.60 1.74
C MSE A 13 8.33 57.04 2.98
O MSE A 13 7.14 56.82 3.25
CB MSE A 13 8.02 55.55 1.11
CG MSE A 13 8.67 55.03 -0.14
SE MSE A 13 7.14 54.97 -1.22
CE MSE A 13 6.11 53.63 -0.34
N GLU A 14 9.14 57.75 3.72
CA GLU A 14 8.74 58.16 5.06
C GLU A 14 8.13 59.56 5.03
N TRP A 15 7.14 59.78 5.89
CA TRP A 15 6.40 61.03 5.92
C TRP A 15 7.17 62.09 6.69
N PRO A 16 6.94 63.37 6.39
CA PRO A 16 7.50 64.44 7.23
C PRO A 16 6.98 64.34 8.65
N THR A 17 7.91 64.19 9.60
CA THR A 17 7.52 63.95 10.99
C THR A 17 7.10 65.21 11.72
N SER A 18 7.41 66.39 11.19
CA SER A 18 7.05 67.65 11.84
C SER A 18 6.40 68.56 10.81
N LEU A 19 5.29 69.18 11.19
CA LEU A 19 4.61 70.19 10.40
C LEU A 19 4.45 71.45 11.24
N ASP A 20 4.96 72.57 10.76
CA ASP A 20 4.78 73.85 11.44
C ASP A 20 3.88 74.76 10.62
N ILE A 21 2.96 75.44 11.31
CA ILE A 21 1.92 76.24 10.67
C ILE A 21 2.25 77.72 10.84
N PRO A 22 2.07 78.54 9.79
CA PRO A 22 2.30 79.99 9.94
C PRO A 22 1.15 80.66 10.67
N LEU A 23 1.47 81.68 11.43
CA LEU A 23 0.40 82.42 12.05
C LEU A 23 -0.16 83.41 11.04
N LYS A 24 -1.40 83.80 11.20
CA LYS A 24 -1.96 84.71 10.26
C LYS A 24 -1.19 85.99 10.47
N ALA A 25 -0.73 86.57 9.37
CA ALA A 25 0.17 87.75 9.33
C ALA A 25 1.58 87.66 9.93
N SER A 26 2.34 86.75 9.34
CA SER A 26 3.80 86.57 9.49
C SER A 26 4.75 86.40 10.70
N GLU A 27 4.25 85.75 11.71
CA GLU A 27 5.08 85.16 12.75
C GLU A 27 5.03 83.65 12.52
N GLU A 28 5.76 83.23 11.48
CA GLU A 28 5.48 82.02 10.72
C GLU A 28 6.13 80.77 11.32
N LEU A 29 5.90 80.52 12.62
CA LEU A 29 6.51 79.33 13.23
C LEU A 29 5.66 78.87 14.43
N VAL A 30 4.61 78.11 14.14
CA VAL A 30 3.90 77.31 15.13
C VAL A 30 4.21 75.86 14.81
N GLY A 31 5.03 75.22 15.65
CA GLY A 31 5.46 73.87 15.40
C GLY A 31 4.50 72.84 15.95
N ILE A 32 4.11 71.89 15.10
CA ILE A 32 3.23 70.79 15.49
C ILE A 32 3.97 69.50 15.21
N ASP A 33 4.32 68.76 16.23
CA ASP A 33 5.05 67.56 16.04
C ASP A 33 4.12 66.43 15.91
N LEU A 34 3.98 65.89 14.73
CA LEU A 34 3.05 64.85 14.45
C LEU A 34 3.08 63.53 15.22
N GLU A 35 4.12 63.20 15.95
CA GLU A 35 4.12 61.98 16.69
C GLU A 35 3.48 62.20 18.02
N THR A 36 3.89 63.30 18.62
CA THR A 36 3.53 63.75 19.96
C THR A 36 2.45 64.77 20.22
N ASP A 37 2.49 65.91 19.57
CA ASP A 37 1.54 66.94 19.86
C ASP A 37 0.22 66.92 19.19
N LEU A 38 -0.36 65.76 19.01
CA LEU A 38 -1.62 65.71 18.34
C LEU A 38 -2.63 65.55 19.37
N PRO A 39 -3.53 66.49 19.44
CA PRO A 39 -4.57 66.38 20.44
C PRO A 39 -5.46 65.21 20.21
N ASP A 40 -5.90 64.55 21.25
CA ASP A 40 -6.85 63.47 21.05
C ASP A 40 -8.19 63.96 20.52
N ASP A 41 -8.45 65.27 20.58
CA ASP A 41 -9.64 65.86 20.00
C ASP A 41 -9.25 66.65 18.78
N PRO A 42 -9.62 66.22 17.57
CA PRO A 42 -9.23 66.97 16.36
C PRO A 42 -9.78 68.38 16.31
N THR A 43 -10.82 68.69 17.09
CA THR A 43 -11.38 70.03 17.09
C THR A 43 -10.39 71.06 17.62
N ASP A 44 -9.49 70.64 18.52
CA ASP A 44 -8.50 71.57 19.05
C ASP A 44 -7.62 72.13 17.93
N LEU A 45 -7.19 71.26 17.01
CA LEU A 45 -6.46 71.74 15.85
C LEU A 45 -7.36 72.32 14.78
N LYS A 46 -8.64 71.93 14.76
CA LYS A 46 -9.59 72.52 13.82
C LYS A 46 -9.75 74.02 14.11
N THR A 47 -9.74 74.40 15.39
CA THR A 47 -9.84 75.82 15.73
C THR A 47 -8.62 76.58 15.22
N LEU A 48 -7.43 76.02 15.45
CA LEU A 48 -6.20 76.63 14.94
C LEU A 48 -6.24 76.76 13.42
N LEU A 49 -6.77 75.75 12.74
CA LEU A 49 -6.75 75.74 11.28
C LEU A 49 -7.77 76.72 10.70
N VAL A 50 -8.91 76.90 11.37
CA VAL A 50 -9.90 77.86 10.91
C VAL A 50 -9.47 79.28 11.23
N GLU A 51 -8.78 79.49 12.34
CA GLU A 51 -8.36 80.83 12.73
C GLU A 51 -7.38 81.42 11.72
N GLU A 52 -6.26 80.74 11.49
CA GLU A 52 -5.17 81.27 10.69
C GLU A 52 -5.42 81.23 9.19
N SER A 53 -6.67 80.98 8.75
CA SER A 53 -6.99 80.81 7.34
C SER A 53 -6.09 79.77 6.69
N SER A 54 -5.88 78.67 7.42
CA SER A 54 -4.89 77.68 7.02
C SER A 54 -5.26 77.04 5.68
N GLU A 55 -4.25 76.53 5.00
CA GLU A 55 -4.42 75.91 3.69
C GLU A 55 -5.20 74.61 3.81
N LYS A 56 -5.62 74.10 2.66
CA LYS A 56 -6.36 72.84 2.63
C LYS A 56 -5.44 71.65 2.87
N GLU A 57 -4.18 71.74 2.41
CA GLU A 57 -3.26 70.61 2.54
C GLU A 57 -2.81 70.39 3.98
N HIS A 58 -2.84 71.43 4.82
CA HIS A 58 -2.49 71.26 6.22
C HIS A 58 -3.54 70.43 6.94
N TRP A 59 -4.75 70.55 6.48
CA TRP A 59 -5.80 69.82 7.05
C TRP A 59 -5.56 68.42 6.70
N LEU A 60 -5.35 68.13 5.45
CA LEU A 60 -5.10 66.78 4.96
C LEU A 60 -3.84 66.19 5.59
N THR A 61 -2.78 66.99 5.71
CA THR A 61 -1.54 66.48 6.30
C THR A 61 -1.75 66.03 7.73
N ILE A 62 -2.43 66.86 8.53
CA ILE A 62 -2.68 66.51 9.93
C ILE A 62 -3.59 65.30 10.02
N ALA A 63 -4.59 65.20 9.13
CA ALA A 63 -5.48 64.06 9.16
C ALA A 63 -4.77 62.77 8.77
N LEU A 64 -3.84 62.86 7.81
CA LEU A 64 -3.05 61.69 7.45
C LEU A 64 -2.14 61.26 8.59
N ALA A 65 -1.53 62.23 9.28
CA ALA A 65 -0.74 61.90 10.46
C ALA A 65 -1.59 61.24 11.53
N TYR A 66 -2.83 61.71 11.68
CA TYR A 66 -3.79 61.06 12.58
C TYR A 66 -4.02 59.61 12.17
N CYS A 67 -4.36 59.39 10.90
CA CYS A 67 -4.73 58.05 10.44
C CYS A 67 -3.54 57.09 10.49
N ASN A 68 -2.34 57.60 10.17
CA ASN A 68 -1.16 56.75 10.20
C ASN A 68 -0.68 56.43 11.61
N HIS A 69 -1.33 56.96 12.64
CA HIS A 69 -1.01 56.63 14.02
C HIS A 69 -2.06 55.75 14.67
N GLY A 70 -2.98 55.19 13.89
CA GLY A 70 -4.03 54.34 14.42
C GLY A 70 -5.31 55.06 14.78
N LYS A 71 -5.48 56.31 14.37
CA LYS A 71 -6.67 57.09 14.67
C LYS A 71 -7.31 57.54 13.35
N THR A 72 -7.83 56.56 12.60
CA THR A 72 -8.45 56.89 11.31
C THR A 72 -9.79 57.61 11.51
N ASN A 73 -10.54 57.24 12.55
CA ASN A 73 -11.80 57.91 12.82
C ASN A 73 -11.59 59.38 13.16
N GLU A 74 -10.54 59.69 13.94
CA GLU A 74 -10.26 61.07 14.30
C GLU A 74 -9.90 61.91 13.07
N GLY A 75 -9.04 61.39 12.19
CA GLY A 75 -8.70 62.12 10.99
C GLY A 75 -9.89 62.26 10.05
N ILE A 76 -10.71 61.22 9.95
CA ILE A 76 -11.94 61.31 9.17
C ILE A 76 -12.80 62.45 9.69
N ARG A 77 -12.99 62.52 11.00
CA ARG A 77 -13.71 63.65 11.60
C ARG A 77 -13.08 64.97 11.21
N LEU A 78 -11.75 65.06 11.31
CA LEU A 78 -11.06 66.32 11.06
C LEU A 78 -11.28 66.81 9.63
N ILE A 79 -11.18 65.91 8.65
CA ILE A 79 -11.46 66.33 7.27
C ILE A 79 -12.96 66.56 7.08
N GLU A 80 -13.80 65.82 7.80
CA GLU A 80 -15.23 66.12 7.77
C GLU A 80 -15.54 67.49 8.36
N MSE A 81 -14.64 68.05 9.18
CA MSE A 81 -14.83 69.38 9.74
C MSE A 81 -14.38 70.44 8.74
O MSE A 81 -14.82 71.58 8.80
CB MSE A 81 -14.06 69.53 11.06
CG MSE A 81 -14.47 68.56 12.15
SE MSE A 81 -13.71 68.97 13.89
CE MSE A 81 -14.92 70.40 14.40
N ALA A 82 -13.46 70.07 7.84
CA ALA A 82 -13.02 70.97 6.79
C ALA A 82 -13.96 70.97 5.59
N LEU A 83 -14.91 70.04 5.53
CA LEU A 83 -15.81 69.99 4.39
C LEU A 83 -16.78 71.16 4.39
N ASP A 84 -17.25 71.59 5.57
CA ASP A 84 -18.11 72.75 5.66
C ASP A 84 -17.33 74.06 5.77
N VAL A 85 -16.01 74.01 5.75
CA VAL A 85 -15.18 75.19 5.68
C VAL A 85 -14.73 75.37 4.27
N PHE A 86 -14.04 74.41 3.68
CA PHE A 86 -13.64 74.57 2.30
C PHE A 86 -14.88 74.30 1.46
N GLN A 87 -15.10 75.02 0.39
CA GLN A 87 -16.31 74.82 -0.34
C GLN A 87 -16.10 74.85 -1.81
N ASN A 88 -16.95 74.14 -2.52
CA ASN A 88 -17.01 74.12 -3.97
C ASN A 88 -15.83 73.84 -4.81
N SER A 89 -15.42 72.60 -4.99
CA SER A 89 -14.25 72.18 -5.79
C SER A 89 -12.95 72.35 -5.12
N GLU A 90 -12.99 72.63 -3.86
CA GLU A 90 -11.82 72.74 -3.14
C GLU A 90 -11.95 71.50 -2.34
N ARG A 91 -13.17 71.07 -2.10
CA ARG A 91 -13.36 69.84 -1.33
C ARG A 91 -13.15 68.55 -2.16
N ALA A 92 -12.64 68.57 -3.40
CA ALA A 92 -12.43 67.34 -4.15
C ALA A 92 -11.40 66.44 -3.47
N SER A 93 -10.22 66.98 -3.17
CA SER A 93 -9.18 66.18 -2.53
C SER A 93 -9.61 65.72 -1.15
N LEU A 94 -10.45 66.51 -0.47
CA LEU A 94 -11.01 66.05 0.80
C LEU A 94 -11.85 64.80 0.60
N HIS A 95 -12.66 64.77 -0.46
CA HIS A 95 -13.46 63.58 -0.74
C HIS A 95 -12.59 62.40 -1.15
N THR A 96 -11.48 62.65 -1.85
CA THR A 96 -10.54 61.57 -2.17
C THR A 96 -9.96 60.98 -0.89
N PHE A 97 -9.50 61.83 0.02
CA PHE A 97 -8.97 61.36 1.30
C PHE A 97 -10.02 60.58 2.07
N LEU A 98 -11.26 61.07 2.10
CA LEU A 98 -12.30 60.38 2.83
C LEU A 98 -12.63 59.03 2.20
N THR A 99 -12.61 58.96 0.86
CA THR A 99 -12.78 57.69 0.17
C THR A 99 -11.73 56.69 0.61
N TRP A 100 -10.47 57.09 0.61
CA TRP A 100 -9.41 56.15 0.97
C TRP A 100 -9.45 55.80 2.45
N ALA A 101 -9.83 56.74 3.32
CA ALA A 101 -9.91 56.44 4.74
C ALA A 101 -11.03 55.45 5.03
N HIS A 102 -12.21 55.65 4.43
CA HIS A 102 -13.28 54.68 4.58
C HIS A 102 -12.92 53.33 3.97
N LEU A 103 -12.12 53.34 2.90
CA LEU A 103 -11.59 52.08 2.37
C LEU A 103 -10.73 51.37 3.40
N ASN A 104 -9.85 52.11 4.07
CA ASN A 104 -9.00 51.52 5.08
C ASN A 104 -9.81 51.00 6.26
N LEU A 105 -10.91 51.68 6.62
CA LEU A 105 -11.74 51.19 7.72
C LEU A 105 -12.46 49.90 7.37
N ALA A 106 -12.68 49.63 6.08
CA ALA A 106 -13.28 48.37 5.65
C ALA A 106 -12.20 47.37 5.25
N LYS A 107 -11.29 47.10 6.19
CA LYS A 107 -10.18 46.17 5.94
C LYS A 107 -9.83 45.51 7.26
N GLY A 108 -10.35 44.32 7.47
CA GLY A 108 -10.07 43.55 8.66
C GLY A 108 -11.22 42.63 9.00
N HIS A 109 -10.87 41.48 9.58
CA HIS A 109 -11.86 40.53 10.08
C HIS A 109 -12.27 40.82 11.52
N SER A 110 -11.66 41.83 12.15
CA SER A 110 -12.16 42.36 13.42
C SER A 110 -13.26 43.37 13.13
N LEU A 111 -14.21 42.97 12.29
CA LEU A 111 -15.21 43.86 11.74
C LEU A 111 -16.53 43.09 11.65
N SER A 112 -17.52 43.70 11.02
CA SER A 112 -18.82 43.09 10.80
C SER A 112 -19.21 43.29 9.34
N VAL A 113 -20.19 42.48 8.90
CA VAL A 113 -20.72 42.65 7.55
C VAL A 113 -21.36 44.02 7.40
N GLU A 114 -22.14 44.44 8.41
CA GLU A 114 -22.81 45.73 8.34
C GLU A 114 -21.79 46.88 8.39
N THR A 115 -20.78 46.76 9.25
CA THR A 115 -19.75 47.80 9.32
C THR A 115 -18.95 47.88 8.03
N LYS A 116 -18.59 46.72 7.46
CA LYS A 116 -17.86 46.72 6.21
C LYS A 116 -18.68 47.34 5.09
N GLU A 117 -19.97 47.00 5.01
CA GLU A 117 -20.83 47.59 3.99
C GLU A 117 -20.95 49.09 4.18
N HIS A 118 -21.11 49.54 5.42
CA HIS A 118 -21.20 50.98 5.68
C HIS A 118 -19.94 51.71 5.24
N GLU A 119 -18.77 51.17 5.58
CA GLU A 119 -17.52 51.83 5.21
C GLU A 119 -17.32 51.84 3.70
N LEU A 120 -17.63 50.72 3.04
CA LEU A 120 -17.51 50.66 1.58
C LEU A 120 -18.45 51.66 0.92
N THR A 121 -19.67 51.79 1.44
CA THR A 121 -20.65 52.70 0.86
C THR A 121 -20.24 54.15 1.06
N GLN A 122 -19.74 54.50 2.26
CA GLN A 122 -19.22 55.85 2.47
C GLN A 122 -18.05 56.13 1.54
N ALA A 123 -17.20 55.11 1.32
CA ALA A 123 -16.08 55.27 0.40
C ALA A 123 -16.56 55.62 -1.00
N GLU A 124 -17.48 54.84 -1.56
CA GLU A 124 -17.93 55.13 -2.91
C GLU A 124 -18.80 56.39 -2.98
N LEU A 125 -19.43 56.80 -1.87
CA LEU A 125 -20.15 58.06 -1.87
C LEU A 125 -19.19 59.24 -2.00
N ASN A 126 -18.17 59.27 -1.14
CA ASN A 126 -17.14 60.30 -1.28
C ASN A 126 -16.43 60.20 -2.62
N LEU A 127 -16.35 58.99 -3.19
CA LEU A 127 -15.76 58.82 -4.51
C LEU A 127 -16.61 59.48 -5.59
N LYS A 128 -17.93 59.30 -5.52
CA LYS A 128 -18.83 60.02 -6.44
C LYS A 128 -18.65 61.52 -6.28
N ASP A 129 -18.58 62.01 -5.04
CA ASP A 129 -18.37 63.43 -4.81
C ASP A 129 -17.07 63.91 -5.46
N ALA A 130 -16.00 63.14 -5.32
CA ALA A 130 -14.70 63.57 -5.86
C ALA A 130 -14.67 63.50 -7.38
N ILE A 131 -15.30 62.48 -7.96
CA ILE A 131 -15.39 62.37 -9.41
C ILE A 131 -16.22 63.51 -9.98
N GLY A 132 -17.21 63.99 -9.22
CA GLY A 132 -17.97 65.15 -9.67
C GLY A 132 -17.09 66.36 -9.96
N PHE A 133 -16.10 66.61 -9.11
CA PHE A 133 -15.19 67.74 -9.31
C PHE A 133 -14.04 67.37 -10.24
N ASP A 134 -13.18 66.45 -9.80
CA ASP A 134 -11.92 66.12 -10.48
C ASP A 134 -11.94 64.64 -10.85
N PRO A 135 -12.58 64.29 -11.97
CA PRO A 135 -12.70 62.87 -12.34
C PRO A 135 -11.44 62.25 -12.94
N THR A 136 -10.41 63.05 -13.20
CA THR A 136 -9.19 62.55 -13.85
C THR A 136 -8.01 62.45 -12.91
N TRP A 137 -8.15 62.88 -11.65
CA TRP A 137 -7.07 62.73 -10.68
C TRP A 137 -6.87 61.27 -10.32
N ILE A 138 -5.61 60.82 -10.32
CA ILE A 138 -5.32 59.39 -10.25
C ILE A 138 -5.77 58.78 -8.92
N GLY A 139 -5.88 59.58 -7.86
CA GLY A 139 -6.41 59.06 -6.62
C GLY A 139 -7.81 58.50 -6.77
N ASN A 140 -8.66 59.23 -7.48
CA ASN A 140 -10.05 58.78 -7.66
C ASN A 140 -10.12 57.56 -8.58
N MSE A 141 -9.27 57.51 -9.61
CA MSE A 141 -9.26 56.37 -10.54
C MSE A 141 -8.80 55.09 -9.84
O MSE A 141 -9.39 54.00 -9.99
CB MSE A 141 -8.36 56.68 -11.74
CG MSE A 141 -8.62 58.06 -12.34
SE MSE A 141 -7.34 58.60 -13.70
CE MSE A 141 -7.87 57.37 -15.12
N LEU A 142 -7.72 55.24 -9.06
CA LEU A 142 -7.24 54.12 -8.25
C LEU A 142 -8.29 53.69 -7.22
N ALA A 143 -9.00 54.66 -6.63
CA ALA A 143 -10.07 54.31 -5.70
C ALA A 143 -11.20 53.58 -6.40
N THR A 144 -11.49 53.95 -7.64
CA THR A 144 -12.49 53.23 -8.43
C THR A 144 -12.09 51.76 -8.59
N VAL A 145 -10.88 51.51 -9.09
CA VAL A 145 -10.45 50.14 -9.32
C VAL A 145 -10.38 49.37 -8.00
N GLU A 146 -9.94 50.03 -6.93
CA GLU A 146 -9.82 49.35 -5.64
C GLU A 146 -11.20 49.02 -5.05
N LEU A 147 -12.19 49.91 -5.25
CA LEU A 147 -13.54 49.60 -4.83
C LEU A 147 -14.10 48.41 -5.59
N TYR A 148 -13.88 48.38 -6.91
CA TYR A 148 -14.29 47.21 -7.69
C TYR A 148 -13.64 45.94 -7.16
N TYR A 149 -12.35 46.02 -6.79
CA TYR A 149 -11.67 44.84 -6.26
C TYR A 149 -12.27 44.41 -4.93
N GLN A 150 -12.51 45.37 -4.03
CA GLN A 150 -13.03 45.05 -2.71
C GLN A 150 -14.47 44.57 -2.76
N ARG A 151 -15.20 44.84 -3.83
CA ARG A 151 -16.54 44.29 -4.00
C ARG A 151 -16.56 42.97 -4.77
N GLY A 152 -15.40 42.35 -4.96
CA GLY A 152 -15.32 41.06 -5.62
C GLY A 152 -15.42 41.08 -7.13
N HIS A 153 -15.63 42.25 -7.75
CA HIS A 153 -15.76 42.33 -9.21
C HIS A 153 -14.37 42.44 -9.80
N TYR A 154 -13.76 41.27 -10.04
CA TYR A 154 -12.34 41.24 -10.36
C TYR A 154 -12.06 41.53 -11.83
N ASP A 155 -12.74 40.82 -12.75
CA ASP A 155 -12.49 41.06 -14.16
C ASP A 155 -13.03 42.41 -14.60
N LYS A 156 -14.10 42.90 -13.96
CA LYS A 156 -14.54 44.27 -14.20
C LYS A 156 -13.46 45.27 -13.77
N ALA A 157 -12.86 45.05 -12.60
CA ALA A 157 -11.78 45.92 -12.15
C ALA A 157 -10.61 45.87 -13.11
N LEU A 158 -10.31 44.69 -13.65
CA LEU A 158 -9.20 44.56 -14.60
C LEU A 158 -9.50 45.30 -15.89
N GLU A 159 -10.76 45.21 -16.36
CA GLU A 159 -11.18 45.96 -17.53
C GLU A 159 -10.99 47.46 -17.33
N THR A 160 -11.51 47.98 -16.21
CA THR A 160 -11.39 49.43 -15.97
C THR A 160 -9.95 49.84 -15.77
N SER A 161 -9.12 49.00 -15.16
CA SER A 161 -7.72 49.32 -14.95
C SER A 161 -6.96 49.40 -16.27
N ASP A 162 -7.18 48.42 -17.16
CA ASP A 162 -6.57 48.46 -18.48
C ASP A 162 -7.04 49.70 -19.26
N LEU A 163 -8.33 50.05 -19.14
CA LEU A 163 -8.81 51.24 -19.84
C LEU A 163 -8.17 52.52 -19.30
N PHE A 164 -8.00 52.60 -17.98
CA PHE A 164 -7.35 53.77 -17.38
C PHE A 164 -5.90 53.88 -17.83
N VAL A 165 -5.18 52.75 -17.87
CA VAL A 165 -3.79 52.78 -18.32
C VAL A 165 -3.71 53.20 -19.78
N LYS A 166 -4.63 52.69 -20.61
CA LYS A 166 -4.69 53.11 -22.00
C LYS A 166 -4.91 54.61 -22.13
N SER A 167 -5.85 55.14 -21.35
CA SER A 167 -6.15 56.57 -21.43
C SER A 167 -4.96 57.41 -20.99
N ILE A 168 -4.26 56.98 -19.94
CA ILE A 168 -3.10 57.74 -19.47
C ILE A 168 -1.98 57.72 -20.51
N HIS A 169 -1.71 56.54 -21.09
CA HIS A 169 -0.71 56.46 -22.14
C HIS A 169 -1.08 57.35 -23.32
N ALA A 170 -2.36 57.38 -23.67
CA ALA A 170 -2.80 58.22 -24.80
C ALA A 170 -2.60 59.70 -24.48
N GLU A 171 -3.00 60.13 -23.28
CA GLU A 171 -2.86 61.54 -22.92
C GLU A 171 -1.40 61.95 -22.88
N ASP A 172 -0.51 61.08 -22.40
CA ASP A 172 0.91 61.43 -22.36
C ASP A 172 1.51 61.45 -23.75
N HIS A 173 1.16 60.46 -24.59
CA HIS A 173 1.67 60.42 -25.95
C HIS A 173 1.19 61.61 -26.78
N ARG A 174 0.01 62.15 -26.45
CA ARG A 174 -0.49 63.33 -27.15
C ARG A 174 0.32 64.57 -26.79
N SER A 175 0.76 64.68 -25.54
CA SER A 175 1.49 65.84 -25.07
C SER A 175 3.00 65.64 -25.07
N GLY A 176 3.49 64.52 -25.60
CA GLY A 176 4.90 64.30 -25.78
C GLY A 176 5.67 63.83 -24.56
N ARG A 177 5.01 63.69 -23.41
CA ARG A 177 5.70 63.27 -22.19
C ARG A 177 5.71 61.75 -22.08
N GLN A 178 6.72 61.25 -21.37
CA GLN A 178 6.92 59.80 -21.23
C GLN A 178 6.09 59.25 -20.08
N SER A 179 5.49 58.08 -20.30
CA SER A 179 4.62 57.45 -19.33
C SER A 179 5.43 56.49 -18.48
N LYS A 180 5.59 56.81 -17.21
CA LYS A 180 6.24 55.90 -16.29
C LYS A 180 5.23 54.91 -15.71
N PRO A 181 5.64 53.68 -15.41
CA PRO A 181 4.69 52.71 -14.84
C PRO A 181 4.17 53.17 -13.49
N ASN A 182 2.85 53.11 -13.33
CA ASN A 182 2.22 53.42 -12.05
C ASN A 182 2.26 52.18 -11.16
N CYS A 183 2.98 52.27 -10.04
CA CYS A 183 3.18 51.10 -9.20
C CYS A 183 1.86 50.57 -8.63
N LEU A 184 0.88 51.46 -8.40
CA LEU A 184 -0.39 51.00 -7.86
C LEU A 184 -1.23 50.28 -8.91
N PHE A 185 -1.22 50.78 -10.15
CA PHE A 185 -1.89 50.06 -11.22
C PHE A 185 -1.24 48.71 -11.48
N LEU A 186 0.09 48.66 -11.43
CA LEU A 186 0.78 47.38 -11.57
C LEU A 186 0.43 46.42 -10.44
N LEU A 187 0.37 46.93 -9.21
CA LEU A 187 0.00 46.10 -8.07
C LEU A 187 -1.41 45.56 -8.22
N LEU A 188 -2.37 46.44 -8.53
CA LEU A 188 -3.75 46.00 -8.74
C LEU A 188 -3.83 44.96 -9.84
N ARG A 189 -3.11 45.18 -10.95
CA ARG A 189 -3.16 44.25 -12.05
C ARG A 189 -2.58 42.89 -11.66
N ALA A 190 -1.48 42.89 -10.90
CA ALA A 190 -0.87 41.63 -10.48
C ALA A 190 -1.79 40.87 -9.53
N LYS A 191 -2.46 41.58 -8.60
CA LYS A 191 -3.40 40.93 -7.71
C LYS A 191 -4.58 40.36 -8.50
N LEU A 192 -5.09 41.14 -9.46
CA LEU A 192 -6.22 40.66 -10.27
C LEU A 192 -5.82 39.44 -11.09
N LEU A 193 -4.60 39.42 -11.62
CA LEU A 193 -4.15 38.27 -12.39
C LEU A 193 -3.96 37.05 -11.49
N TYR A 194 -3.50 37.26 -10.26
CA TYR A 194 -3.45 36.17 -9.30
C TYR A 194 -4.84 35.61 -9.04
N GLN A 195 -5.83 36.49 -8.93
CA GLN A 195 -7.22 36.04 -8.83
C GLN A 195 -7.63 35.27 -10.09
N LYS A 196 -7.12 35.66 -11.25
CA LYS A 196 -7.37 34.97 -12.52
C LYS A 196 -6.62 33.64 -12.62
N LYS A 197 -5.82 33.29 -11.62
CA LYS A 197 -4.96 32.10 -11.63
C LYS A 197 -3.88 32.17 -12.71
N ASN A 198 -3.59 33.37 -13.23
CA ASN A 198 -2.47 33.59 -14.13
C ASN A 198 -1.26 33.97 -13.28
N TYR A 199 -0.58 32.95 -12.75
CA TYR A 199 0.42 33.18 -11.73
C TYR A 199 1.74 33.69 -12.32
N VAL A 200 2.04 33.38 -13.58
CA VAL A 200 3.34 33.75 -14.15
C VAL A 200 3.39 35.24 -14.46
N ALA A 201 2.31 35.77 -15.05
CA ALA A 201 2.25 37.20 -15.34
C ALA A 201 2.24 38.01 -14.06
N SER A 202 1.45 37.57 -13.08
CA SER A 202 1.42 38.24 -11.78
C SER A 202 2.80 38.20 -11.12
N LEU A 203 3.50 37.07 -11.26
CA LEU A 203 4.86 36.97 -10.73
C LEU A 203 5.78 37.98 -11.40
N LYS A 204 5.69 38.09 -12.73
CA LYS A 204 6.54 39.04 -13.44
C LYS A 204 6.28 40.47 -12.97
N ILE A 205 5.02 40.85 -12.78
CA ILE A 205 4.71 42.20 -12.33
C ILE A 205 5.21 42.42 -10.91
N PHE A 206 4.97 41.45 -10.03
CA PHE A 206 5.41 41.56 -8.64
C PHE A 206 6.92 41.65 -8.54
N GLN A 207 7.64 41.02 -9.48
CA GLN A 207 9.09 41.09 -9.48
C GLN A 207 9.58 42.44 -10.03
N GLU A 208 8.93 42.95 -11.07
CA GLU A 208 9.34 44.25 -11.60
C GLU A 208 9.11 45.37 -10.60
N LEU A 209 8.06 45.26 -9.78
CA LEU A 209 7.82 46.26 -8.74
C LEU A 209 8.98 46.34 -7.76
N LEU A 210 9.71 45.23 -7.56
CA LEU A 210 10.89 45.26 -6.71
C LEU A 210 11.94 46.22 -7.25
N VAL A 211 12.22 46.13 -8.56
CA VAL A 211 13.19 47.01 -9.19
C VAL A 211 12.70 48.45 -9.19
N ILE A 212 11.41 48.65 -9.50
CA ILE A 212 10.88 50.02 -9.54
C ILE A 212 10.90 50.64 -8.15
N ASN A 213 10.59 49.85 -7.12
CA ASN A 213 10.53 50.38 -5.78
C ASN A 213 10.61 49.25 -4.76
N PRO A 214 11.79 49.00 -4.17
CA PRO A 214 11.90 47.94 -3.16
C PRO A 214 11.34 48.33 -1.81
N VAL A 215 10.79 49.54 -1.69
CA VAL A 215 10.22 50.02 -0.43
C VAL A 215 8.70 50.09 -0.48
N LEU A 216 8.11 49.80 -1.60
CA LEU A 216 6.70 49.82 -1.76
C LEU A 216 6.10 49.11 -0.71
N GLN A 217 5.18 49.74 -0.05
CA GLN A 217 4.34 49.23 0.96
C GLN A 217 3.10 49.14 0.16
N PRO A 218 2.45 48.02 0.14
CA PRO A 218 2.33 46.58 0.16
C PRO A 218 3.53 45.95 -0.43
N ASP A 219 4.21 45.13 0.33
CA ASP A 219 5.38 44.54 -0.18
C ASP A 219 5.11 43.61 -1.28
N PRO A 220 5.62 43.88 -2.48
CA PRO A 220 5.42 42.94 -3.59
C PRO A 220 5.96 41.55 -3.30
N ARG A 221 6.97 41.46 -2.43
CA ARG A 221 7.57 40.17 -2.11
C ARG A 221 6.53 39.16 -1.62
N ILE A 222 5.53 39.64 -0.89
CA ILE A 222 4.40 38.78 -0.52
C ILE A 222 3.78 38.17 -1.76
N GLY A 223 3.54 38.99 -2.79
CA GLY A 223 2.92 38.49 -4.01
C GLY A 223 3.82 37.57 -4.80
N ILE A 224 5.12 37.88 -4.86
CA ILE A 224 6.02 37.00 -5.60
C ILE A 224 6.14 35.66 -4.87
N GLY A 225 6.04 35.65 -3.55
CA GLY A 225 6.03 34.39 -2.82
C GLY A 225 4.75 33.62 -3.05
N LEU A 226 3.61 34.31 -3.06
CA LEU A 226 2.35 33.67 -3.42
C LEU A 226 2.45 32.99 -4.78
N CYS A 227 2.97 33.71 -5.77
CA CYS A 227 3.05 33.16 -7.12
C CYS A 227 4.07 32.03 -7.20
N PHE A 228 5.19 32.16 -6.47
CA PHE A 228 6.16 31.07 -6.39
C PHE A 228 5.50 29.82 -5.83
N TRP A 229 4.70 29.98 -4.79
CA TRP A 229 4.04 28.84 -4.16
C TRP A 229 3.07 28.18 -5.12
N GLN A 230 2.19 28.98 -5.74
CA GLN A 230 1.21 28.42 -6.66
C GLN A 230 1.86 27.80 -7.90
N LEU A 231 3.08 28.22 -8.24
CA LEU A 231 3.84 27.60 -9.31
C LEU A 231 4.77 26.50 -8.82
N LYS A 232 4.52 25.99 -7.61
CA LYS A 232 5.20 24.81 -7.08
C LYS A 232 6.69 25.06 -6.83
N ASP A 233 6.99 26.17 -6.16
CA ASP A 233 8.34 26.46 -5.68
C ASP A 233 8.22 27.00 -4.27
N PRO A 234 7.99 26.11 -3.29
CA PRO A 234 7.84 26.59 -1.90
C PRO A 234 9.09 27.23 -1.34
N LYS A 235 10.27 26.81 -1.80
CA LYS A 235 11.53 27.35 -1.27
C LYS A 235 11.62 28.86 -1.48
N MSE A 236 11.50 29.30 -2.73
CA MSE A 236 11.60 30.72 -3.04
C MSE A 236 10.42 31.52 -2.47
O MSE A 236 10.58 32.69 -2.13
CB MSE A 236 11.67 30.92 -4.55
CG MSE A 236 12.91 30.33 -5.19
SE MSE A 236 14.56 30.96 -4.38
CE MSE A 236 14.32 32.86 -4.69
N ALA A 237 9.27 30.89 -2.33
CA ALA A 237 8.12 31.55 -1.70
C ALA A 237 8.42 31.87 -0.24
N ILE A 238 8.87 30.86 0.51
CA ILE A 238 9.23 31.08 1.91
C ILE A 238 10.39 32.06 2.00
N LYS A 239 11.32 32.01 1.05
CA LYS A 239 12.43 32.95 1.05
C LYS A 239 11.95 34.38 0.87
N SER A 240 11.02 34.61 -0.05
CA SER A 240 10.49 35.96 -0.28
C SER A 240 9.72 36.45 0.93
N TRP A 241 8.92 35.58 1.56
CA TRP A 241 8.19 36.02 2.76
C TRP A 241 9.13 36.30 3.92
N GLN A 242 10.18 35.48 4.07
CA GLN A 242 11.22 35.75 5.06
C GLN A 242 11.90 37.09 4.80
N ARG A 243 12.14 37.41 3.54
CA ARG A 243 12.73 38.71 3.20
C ARG A 243 11.78 39.84 3.57
N ALA A 244 10.49 39.68 3.26
CA ALA A 244 9.51 40.70 3.58
C ALA A 244 9.41 40.94 5.09
N LEU A 245 9.55 39.88 5.88
CA LEU A 245 9.54 40.05 7.33
C LEU A 245 10.85 40.66 7.84
N GLN A 246 11.99 40.27 7.23
CA GLN A 246 13.28 40.82 7.60
C GLN A 246 13.35 42.32 7.31
N ILE A 247 12.63 42.77 6.28
CA ILE A 247 12.69 44.16 5.87
C ILE A 247 11.79 45.04 6.73
N ASN A 248 10.65 44.51 7.18
CA ASN A 248 9.74 45.22 8.06
C ASN A 248 9.21 44.20 9.07
N SER A 249 9.83 44.16 10.26
CA SER A 249 9.44 43.20 11.28
C SER A 249 8.05 43.46 11.84
N LYS A 250 7.42 44.57 11.46
CA LYS A 250 6.07 44.89 11.90
C LYS A 250 5.02 44.56 10.85
N ASN A 251 5.37 43.78 9.83
CA ASN A 251 4.42 43.34 8.81
C ASN A 251 3.83 42.01 9.26
N THR A 252 2.54 42.01 9.57
CA THR A 252 1.91 40.83 10.15
C THR A 252 1.62 39.77 9.10
N SER A 253 1.27 40.17 7.88
CA SER A 253 1.07 39.18 6.82
C SER A 253 2.36 38.43 6.54
N ALA A 254 3.49 39.13 6.51
CA ALA A 254 4.77 38.48 6.31
C ALA A 254 5.08 37.51 7.45
N SER A 255 4.73 37.89 8.69
CA SER A 255 4.98 37.00 9.82
C SER A 255 4.11 35.75 9.75
N ILE A 256 2.84 35.90 9.36
CA ILE A 256 1.98 34.73 9.24
C ILE A 256 2.44 33.82 8.11
N LEU A 257 2.91 34.41 7.00
CA LEU A 257 3.45 33.60 5.91
C LEU A 257 4.71 32.87 6.33
N VAL A 258 5.60 33.54 7.07
CA VAL A 258 6.79 32.90 7.59
C VAL A 258 6.41 31.77 8.56
N LEU A 259 5.34 31.95 9.32
CA LEU A 259 4.89 30.90 10.23
C LEU A 259 4.40 29.67 9.47
N LEU A 260 3.58 29.89 8.44
CA LEU A 260 3.14 28.78 7.58
C LEU A 260 4.34 28.09 6.95
N GLY A 261 5.34 28.88 6.52
CA GLY A 261 6.54 28.29 5.96
C GLY A 261 7.32 27.48 6.97
N GLU A 262 7.32 27.93 8.23
CA GLU A 262 7.99 27.18 9.29
C GLU A 262 7.31 25.83 9.50
N PHE A 263 5.98 25.82 9.55
CA PHE A 263 5.26 24.54 9.65
C PHE A 263 5.61 23.63 8.46
N HIS A 264 5.58 24.19 7.25
CA HIS A 264 5.89 23.41 6.05
C HIS A 264 7.29 22.81 6.12
N ASN A 265 8.29 23.62 6.47
CA ASN A 265 9.66 23.14 6.52
C ASN A 265 9.87 22.15 7.66
N SER A 266 9.18 22.35 8.79
CA SER A 266 9.26 21.38 9.87
C SER A 266 8.71 20.03 9.43
N LEU A 267 7.66 20.04 8.60
CA LEU A 267 7.08 18.77 8.16
C LEU A 267 7.89 18.10 7.06
N THR A 268 8.54 18.87 6.17
CA THR A 268 9.25 18.28 5.04
C THR A 268 10.74 18.11 5.29
N ASP A 269 11.45 19.17 5.68
CA ASP A 269 12.90 19.14 5.76
C ASP A 269 13.44 18.33 6.94
N SER A 270 12.61 18.04 7.94
CA SER A 270 13.09 17.34 9.12
C SER A 270 13.53 15.93 8.76
N THR A 271 14.69 15.53 9.28
CA THR A 271 15.24 14.21 9.02
C THR A 271 15.11 13.24 10.18
N ASN A 272 14.68 13.70 11.35
CA ASN A 272 14.46 12.81 12.49
C ASN A 272 13.50 13.50 13.46
N ASP A 273 12.99 12.71 14.40
CA ASP A 273 11.98 13.21 15.33
C ASP A 273 12.56 14.27 16.26
N GLU A 274 13.86 14.22 16.52
CA GLU A 274 14.48 15.22 17.39
C GLU A 274 14.40 16.61 16.75
N VAL A 275 14.77 16.71 15.48
CA VAL A 275 14.68 18.00 14.78
C VAL A 275 13.24 18.43 14.62
N PHE A 276 12.36 17.49 14.28
CA PHE A 276 10.96 17.82 14.02
C PHE A 276 10.26 18.33 15.27
N LYS A 277 10.47 17.66 16.41
CA LYS A 277 9.78 18.03 17.64
C LYS A 277 10.16 19.43 18.13
N GLU A 278 11.32 19.95 17.71
CA GLU A 278 11.69 21.31 18.10
C GLU A 278 11.39 22.34 17.03
N THR A 279 11.49 21.98 15.74
CA THR A 279 11.07 22.91 14.69
C THR A 279 9.57 23.18 14.77
N PHE A 280 8.78 22.10 14.90
CA PHE A 280 7.34 22.25 15.07
C PHE A 280 6.99 22.95 16.37
N SER A 281 7.80 22.76 17.41
CA SER A 281 7.54 23.45 18.68
C SER A 281 7.80 24.95 18.55
N LYS A 282 8.87 25.32 17.85
CA LYS A 282 9.11 26.74 17.60
C LYS A 282 8.00 27.33 16.75
N ALA A 283 7.52 26.57 15.77
CA ALA A 283 6.37 27.01 14.98
C ALA A 283 5.14 27.23 15.86
N LEU A 284 4.89 26.32 16.80
CA LEU A 284 3.73 26.45 17.67
C LEU A 284 3.88 27.63 18.63
N SER A 285 5.09 27.87 19.13
CA SER A 285 5.30 29.01 20.02
C SER A 285 5.12 30.32 19.26
N ASP A 286 5.68 30.41 18.04
CA ASP A 286 5.44 31.60 17.22
C ASP A 286 3.96 31.75 16.92
N LEU A 287 3.25 30.64 16.70
CA LEU A 287 1.81 30.69 16.48
C LEU A 287 1.10 31.29 17.68
N LYS A 288 1.45 30.82 18.89
CA LYS A 288 0.87 31.37 20.12
C LYS A 288 1.12 32.87 20.22
N ASN A 289 2.36 33.30 20.00
CA ASN A 289 2.70 34.71 20.17
C ASN A 289 1.97 35.58 19.14
N ILE A 290 2.02 35.19 17.86
CA ILE A 290 1.35 35.96 16.81
C ILE A 290 -0.16 35.91 16.99
N PHE A 291 -0.69 34.87 17.62
CA PHE A 291 -2.13 34.76 17.85
C PHE A 291 -2.59 35.66 18.98
N SER A 292 -1.74 35.84 20.01
CA SER A 292 -2.14 36.63 21.18
C SER A 292 -2.60 38.04 20.83
N GLU A 293 -2.25 38.57 19.65
CA GLU A 293 -2.73 39.87 19.22
C GLU A 293 -3.47 39.83 17.89
N ASN A 294 -3.73 38.64 17.36
CA ASN A 294 -4.53 38.47 16.13
C ASN A 294 -5.53 37.34 16.35
N GLN A 295 -6.36 37.49 17.38
CA GLN A 295 -7.26 36.43 17.82
C GLN A 295 -8.51 36.30 16.93
N ASN A 296 -8.68 37.17 15.94
CA ASN A 296 -9.73 37.02 14.95
C ASN A 296 -9.19 36.59 13.59
N ASN A 297 -7.96 36.07 13.57
CA ASN A 297 -7.32 35.66 12.32
C ASN A 297 -7.77 34.26 11.96
N PRO A 298 -8.40 34.05 10.81
CA PRO A 298 -8.86 32.71 10.45
C PRO A 298 -7.73 31.73 10.16
N VAL A 299 -6.60 32.21 9.64
CA VAL A 299 -5.48 31.32 9.39
C VAL A 299 -4.90 30.79 10.69
N LEU A 300 -4.70 31.68 11.67
CA LEU A 300 -4.17 31.26 12.96
C LEU A 300 -5.15 30.33 13.67
N LEU A 301 -6.46 30.62 13.57
CA LEU A 301 -7.45 29.74 14.18
C LEU A 301 -7.46 28.37 13.53
N THR A 302 -7.32 28.31 12.20
CA THR A 302 -7.25 27.01 11.53
C THR A 302 -5.98 26.25 11.92
N LEU A 303 -4.87 26.98 12.11
CA LEU A 303 -3.66 26.34 12.61
C LEU A 303 -3.89 25.73 13.99
N LEU A 304 -4.54 26.48 14.88
CA LEU A 304 -4.91 25.94 16.19
C LEU A 304 -5.78 24.70 16.04
N GLN A 305 -6.69 24.71 15.06
CA GLN A 305 -7.53 23.55 14.80
C GLN A 305 -6.69 22.34 14.43
N THR A 306 -5.73 22.51 13.51
CA THR A 306 -4.88 21.37 13.13
C THR A 306 -4.12 20.85 14.33
N TYR A 307 -3.54 21.75 15.13
CA TYR A 307 -2.78 21.31 16.29
C TYR A 307 -3.64 20.53 17.26
N HIS A 308 -4.82 21.05 17.58
CA HIS A 308 -5.69 20.38 18.55
C HIS A 308 -6.26 19.08 17.99
N TYR A 309 -6.39 18.96 16.68
CA TYR A 309 -6.76 17.67 16.10
C TYR A 309 -5.64 16.66 16.31
N PHE A 310 -4.42 17.03 15.92
CA PHE A 310 -3.29 16.15 16.15
C PHE A 310 -3.01 15.91 17.64
N LYS A 311 -3.63 16.68 18.52
CA LYS A 311 -3.48 16.51 19.95
C LYS A 311 -4.62 15.71 20.57
N GLY A 312 -5.60 15.27 19.78
CA GLY A 312 -6.73 14.55 20.28
C GLY A 312 -7.85 15.42 20.82
N ASP A 313 -7.66 16.74 20.88
CA ASP A 313 -8.65 17.67 21.43
C ASP A 313 -9.63 18.04 20.31
N PHE A 314 -10.54 17.12 20.02
CA PHE A 314 -11.49 17.30 18.94
C PHE A 314 -12.58 18.32 19.29
N GLN A 315 -12.90 18.46 20.58
CA GLN A 315 -13.95 19.40 20.96
C GLN A 315 -13.51 20.84 20.72
N THR A 316 -12.24 21.14 20.98
CA THR A 316 -11.73 22.48 20.74
C THR A 316 -11.75 22.84 19.25
N VAL A 317 -11.52 21.85 18.37
CA VAL A 317 -11.64 22.10 16.94
C VAL A 317 -13.08 22.51 16.59
N LEU A 318 -14.05 21.74 17.07
CA LEU A 318 -15.45 22.08 16.86
C LEU A 318 -15.79 23.44 17.44
N ASP A 319 -15.23 23.76 18.61
CA ASP A 319 -15.51 25.04 19.24
C ASP A 319 -14.94 26.20 18.43
N ILE A 320 -13.70 26.06 17.95
CA ILE A 320 -13.11 27.09 17.09
C ILE A 320 -13.97 27.29 15.86
N TYR A 321 -14.50 26.20 15.29
CA TYR A 321 -15.31 26.37 14.10
C TYR A 321 -16.63 27.08 14.41
N HIS A 322 -17.37 26.58 15.40
CA HIS A 322 -18.74 27.06 15.65
C HIS A 322 -18.80 28.38 16.39
N HIS A 323 -17.72 28.79 17.06
CA HIS A 323 -17.74 29.98 17.90
C HIS A 323 -16.91 31.14 17.36
N LYS A 324 -15.91 30.88 16.52
CA LYS A 324 -15.08 31.93 15.95
C LYS A 324 -15.26 32.05 14.45
N ILE A 325 -15.01 30.97 13.70
CA ILE A 325 -15.04 31.04 12.24
C ILE A 325 -16.46 31.24 11.73
N LEU A 326 -17.43 30.52 12.31
CA LEU A 326 -18.79 30.58 11.79
C LEU A 326 -19.39 31.97 11.90
N LYS A 327 -18.99 32.75 12.91
CA LYS A 327 -19.54 34.08 13.08
C LYS A 327 -18.97 35.06 12.06
N MSE A 328 -17.69 34.96 11.77
CA MSE A 328 -17.04 35.83 10.78
C MSE A 328 -16.96 35.15 9.42
O MSE A 328 -16.09 35.47 8.61
CB MSE A 328 -15.65 36.23 11.27
CG MSE A 328 -14.74 35.06 11.57
SE MSE A 328 -13.01 35.65 12.24
CE MSE A 328 -13.65 36.92 13.56
N SER A 329 -17.88 34.22 9.17
CA SER A 329 -17.82 33.43 7.95
C SER A 329 -17.95 34.25 6.67
N PRO A 330 -18.85 35.24 6.55
CA PRO A 330 -18.94 35.99 5.29
C PRO A 330 -17.76 36.90 5.00
N LEU A 331 -16.85 37.11 5.97
CA LEU A 331 -15.76 38.06 5.81
C LEU A 331 -14.44 37.43 5.41
N ILE A 332 -14.33 36.11 5.48
CA ILE A 332 -13.06 35.42 5.25
C ILE A 332 -13.07 34.76 3.88
N ALA A 333 -11.87 34.52 3.36
CA ALA A 333 -11.72 33.95 2.03
C ALA A 333 -12.22 32.50 2.00
N LYS A 334 -12.70 32.10 0.83
CA LYS A 334 -13.34 30.78 0.69
C LYS A 334 -12.39 29.64 1.01
N THR A 335 -11.09 29.81 0.70
CA THR A 335 -10.15 28.71 0.89
C THR A 335 -9.89 28.45 2.37
N VAL A 336 -9.71 29.52 3.14
CA VAL A 336 -9.52 29.37 4.59
C VAL A 336 -10.77 28.78 5.22
N LEU A 337 -11.95 29.25 4.81
CA LEU A 337 -13.20 28.66 5.27
C LEU A 337 -13.25 27.17 4.96
N SER A 338 -12.84 26.79 3.74
CA SER A 338 -12.86 25.39 3.34
C SER A 338 -11.95 24.56 4.22
N GLU A 339 -10.74 25.06 4.52
CA GLU A 339 -9.83 24.30 5.36
C GLU A 339 -10.36 24.16 6.80
N SER A 340 -10.93 25.24 7.35
CA SER A 340 -11.47 25.15 8.70
C SER A 340 -12.64 24.19 8.77
N SER A 341 -13.51 24.21 7.76
CA SER A 341 -14.60 23.24 7.70
C SER A 341 -14.06 21.82 7.55
N PHE A 342 -12.98 21.67 6.78
CA PHE A 342 -12.30 20.38 6.65
C PHE A 342 -11.85 19.86 8.00
N TRP A 343 -11.31 20.74 8.84
CA TRP A 343 -10.84 20.29 10.15
C TRP A 343 -12.00 19.98 11.10
N CYS A 344 -13.08 20.76 11.01
CA CYS A 344 -14.29 20.41 11.75
C CYS A 344 -14.79 19.02 11.34
N GLY A 345 -14.75 18.74 10.04
CA GLY A 345 -15.18 17.42 9.57
C GLY A 345 -14.25 16.32 10.02
N ARG A 346 -12.95 16.60 10.07
CA ARG A 346 -11.98 15.64 10.61
C ARG A 346 -12.30 15.33 12.07
N ALA A 347 -12.60 16.37 12.85
CA ALA A 347 -12.97 16.16 14.25
C ALA A 347 -14.23 15.31 14.36
N HIS A 348 -15.24 15.58 13.52
CA HIS A 348 -16.44 14.75 13.51
C HIS A 348 -16.12 13.30 13.15
N TYR A 349 -15.24 13.11 12.16
CA TYR A 349 -14.87 11.76 11.73
C TYR A 349 -14.18 11.00 12.86
N ALA A 350 -13.33 11.67 13.63
CA ALA A 350 -12.65 11.01 14.73
C ALA A 350 -13.57 10.69 15.90
N LEU A 351 -14.69 11.42 16.03
CA LEU A 351 -15.65 11.17 17.10
C LEU A 351 -16.69 10.14 16.71
N GLY A 352 -16.64 9.61 15.49
CA GLY A 352 -17.62 8.64 15.03
C GLY A 352 -18.86 9.23 14.40
N ASP A 353 -19.00 10.55 14.37
CA ASP A 353 -20.18 11.21 13.80
C ASP A 353 -19.93 11.40 12.31
N TYR A 354 -20.38 10.42 11.52
CA TYR A 354 -20.12 10.45 10.08
C TYR A 354 -21.15 11.26 9.31
N ARG A 355 -22.35 11.47 9.85
CA ARG A 355 -23.29 12.37 9.20
C ARG A 355 -22.77 13.81 9.23
N LYS A 356 -22.37 14.28 10.40
CA LYS A 356 -21.84 15.64 10.50
C LYS A 356 -20.52 15.79 9.76
N SER A 357 -19.67 14.75 9.77
CA SER A 357 -18.43 14.81 9.02
C SER A 357 -18.70 14.87 7.52
N PHE A 358 -19.68 14.09 7.05
CA PHE A 358 -20.10 14.19 5.66
C PHE A 358 -20.56 15.59 5.32
N ILE A 359 -21.42 16.17 6.16
CA ILE A 359 -21.92 17.52 5.92
C ILE A 359 -20.78 18.53 5.87
N MSE A 360 -19.82 18.40 6.77
CA MSE A 360 -18.74 19.38 6.87
C MSE A 360 -17.76 19.27 5.70
O MSE A 360 -17.31 20.28 5.17
CB MSE A 360 -18.01 19.23 8.19
CG MSE A 360 -18.84 19.66 9.38
SE MSE A 360 -19.78 21.33 9.06
CE MSE A 360 -18.23 22.44 8.76
N PHE A 361 -17.42 18.04 5.31
CA PHE A 361 -16.58 17.87 4.12
C PHE A 361 -17.29 18.36 2.87
N GLN A 362 -18.62 18.17 2.80
CA GLN A 362 -19.39 18.69 1.68
C GLN A 362 -19.36 20.22 1.65
N GLU A 363 -19.48 20.86 2.81
CA GLU A 363 -19.39 22.32 2.87
C GLU A 363 -18.01 22.80 2.46
N SER A 364 -16.96 22.13 2.96
CA SER A 364 -15.59 22.48 2.58
C SER A 364 -15.40 22.38 1.08
N LEU A 365 -15.96 21.34 0.45
CA LEU A 365 -15.88 21.24 -1.00
C LEU A 365 -16.72 22.31 -1.70
N LYS A 366 -17.84 22.69 -1.11
CA LYS A 366 -18.63 23.79 -1.66
C LYS A 366 -17.82 25.08 -1.72
N LYS A 367 -16.97 25.31 -0.71
CA LYS A 367 -16.14 26.50 -0.70
C LYS A 367 -14.84 26.35 -1.49
N ASN A 368 -14.38 25.12 -1.70
CA ASN A 368 -13.18 24.89 -2.52
C ASN A 368 -13.27 23.47 -3.07
N GLU A 369 -13.73 23.35 -4.32
CA GLU A 369 -13.91 22.04 -4.93
C GLU A 369 -12.60 21.29 -5.08
N ASP A 370 -11.48 22.00 -5.16
CA ASP A 370 -10.17 21.39 -5.28
C ASP A 370 -9.53 21.08 -3.94
N ASN A 371 -10.32 21.01 -2.88
CA ASN A 371 -9.82 20.61 -1.57
C ASN A 371 -9.64 19.10 -1.59
N LEU A 372 -8.41 18.68 -1.87
CA LEU A 372 -8.14 17.26 -2.13
C LEU A 372 -8.37 16.41 -0.89
N MSE A 373 -7.82 16.84 0.25
CA MSE A 373 -7.97 16.05 1.48
C MSE A 373 -9.41 16.06 1.98
O MSE A 373 -9.86 15.10 2.61
CB MSE A 373 -7.02 16.57 2.56
CG MSE A 373 -5.57 16.22 2.31
SE MSE A 373 -4.49 16.25 3.94
CE MSE A 373 -4.42 18.17 4.20
N ALA A 374 -10.16 17.14 1.69
CA ALA A 374 -11.57 17.14 2.03
C ALA A 374 -12.35 16.09 1.23
N ARG A 375 -12.02 15.96 -0.06
CA ARG A 375 -12.63 14.92 -0.88
C ARG A 375 -12.23 13.53 -0.39
N LEU A 376 -10.98 13.37 0.05
CA LEU A 376 -10.56 12.09 0.62
C LEU A 376 -11.36 11.78 1.88
N GLY A 377 -11.54 12.77 2.76
CA GLY A 377 -12.35 12.57 3.94
C GLY A 377 -13.80 12.24 3.60
N LEU A 378 -14.31 12.84 2.52
CA LEU A 378 -15.66 12.51 2.07
C LEU A 378 -15.76 11.06 1.60
N GLY A 379 -14.75 10.61 0.85
CA GLY A 379 -14.74 9.21 0.42
C GLY A 379 -14.65 8.26 1.59
N GLN A 380 -13.83 8.60 2.59
CA GLN A 380 -13.71 7.74 3.76
C GLN A 380 -15.01 7.74 4.58
N THR A 381 -15.68 8.88 4.64
CA THR A 381 -16.99 8.95 5.29
C THR A 381 -18.01 8.09 4.56
N GLN A 382 -17.94 8.06 3.23
CA GLN A 382 -18.80 7.17 2.46
C GLN A 382 -18.48 5.71 2.75
N ILE A 383 -17.20 5.40 2.91
CA ILE A 383 -16.81 4.04 3.32
C ILE A 383 -17.45 3.70 4.67
N LYS A 384 -17.37 4.62 5.63
CA LYS A 384 -17.89 4.37 6.97
C LYS A 384 -19.41 4.24 6.98
N SER A 385 -20.10 4.93 6.08
CA SER A 385 -21.56 4.97 6.05
C SER A 385 -22.16 3.86 5.21
N ASN A 386 -21.40 2.78 4.95
CA ASN A 386 -21.85 1.70 4.08
C ASN A 386 -22.25 2.19 2.69
N LEU A 387 -21.44 3.11 2.15
CA LEU A 387 -21.63 3.58 0.78
C LEU A 387 -20.41 3.22 -0.04
N LEU A 388 -20.15 1.92 -0.17
CA LEU A 388 -18.88 1.45 -0.74
C LEU A 388 -18.73 1.88 -2.19
N GLU A 389 -19.71 1.56 -3.03
CA GLU A 389 -19.63 1.92 -4.44
C GLU A 389 -19.57 3.44 -4.63
N GLU A 390 -20.28 4.18 -3.78
CA GLU A 390 -20.20 5.64 -3.84
C GLU A 390 -18.79 6.14 -3.50
N SER A 391 -18.17 5.55 -2.48
CA SER A 391 -16.80 5.91 -2.14
C SER A 391 -15.86 5.59 -3.29
N ILE A 392 -16.07 4.45 -3.94
CA ILE A 392 -15.20 4.06 -5.07
C ILE A 392 -15.37 5.04 -6.22
N ILE A 393 -16.60 5.49 -6.45
CA ILE A 393 -16.83 6.50 -7.49
C ILE A 393 -16.09 7.79 -7.15
N THR A 394 -16.19 8.22 -5.90
CA THR A 394 -15.48 9.42 -5.44
C THR A 394 -13.98 9.28 -5.69
N PHE A 395 -13.40 8.17 -5.24
CA PHE A 395 -11.96 7.99 -5.34
C PHE A 395 -11.50 7.88 -6.80
N GLU A 396 -12.25 7.15 -7.63
CA GLU A 396 -11.86 7.01 -9.03
C GLU A 396 -12.05 8.28 -9.82
N ASN A 397 -12.97 9.15 -9.41
CA ASN A 397 -13.04 10.48 -10.01
C ASN A 397 -11.85 11.32 -9.56
N LEU A 398 -11.41 11.16 -8.30
CA LEU A 398 -10.20 11.84 -7.87
C LEU A 398 -8.97 11.32 -8.61
N TYR A 399 -9.03 10.08 -9.10
CA TYR A 399 -7.87 9.45 -9.72
C TYR A 399 -7.51 10.05 -11.07
N LYS A 400 -8.47 10.72 -11.74
CA LYS A 400 -8.20 11.27 -13.07
C LYS A 400 -7.16 12.38 -13.02
N THR A 401 -7.16 13.17 -11.94
CA THR A 401 -6.20 14.25 -11.77
C THR A 401 -5.06 13.89 -10.83
N ASN A 402 -5.30 12.98 -9.88
CA ASN A 402 -4.28 12.63 -8.89
C ASN A 402 -3.82 11.19 -9.10
N GLU A 403 -3.36 10.89 -10.31
CA GLU A 403 -3.06 9.51 -10.68
C GLU A 403 -1.87 8.95 -9.91
N SER A 404 -0.91 9.79 -9.55
CA SER A 404 0.29 9.35 -8.86
C SER A 404 0.21 9.58 -7.35
N LEU A 405 -0.99 9.76 -6.81
CA LEU A 405 -1.17 9.94 -5.38
C LEU A 405 -1.10 8.57 -4.71
N GLN A 406 -0.11 8.37 -3.85
CA GLN A 406 0.16 7.03 -3.33
C GLN A 406 -0.96 6.55 -2.43
N GLU A 407 -1.41 7.41 -1.51
CA GLU A 407 -2.49 7.02 -0.61
C GLU A 407 -3.77 6.70 -1.38
N LEU A 408 -4.02 7.42 -2.48
CA LEU A 408 -5.22 7.15 -3.26
C LEU A 408 -5.14 5.80 -3.97
N ASN A 409 -3.97 5.47 -4.52
CA ASN A 409 -3.77 4.15 -5.09
C ASN A 409 -3.94 3.07 -4.04
N TYR A 410 -3.41 3.29 -2.84
CA TYR A 410 -3.56 2.32 -1.76
C TYR A 410 -5.03 2.11 -1.40
N ILE A 411 -5.78 3.20 -1.29
CA ILE A 411 -7.19 3.13 -0.93
C ILE A 411 -7.98 2.37 -2.00
N LEU A 412 -7.81 2.75 -3.26
CA LEU A 412 -8.55 2.09 -4.32
C LEU A 412 -8.15 0.62 -4.45
N GLY A 413 -6.87 0.30 -4.23
CA GLY A 413 -6.44 -1.07 -4.31
C GLY A 413 -7.04 -1.92 -3.19
N LEU A 414 -7.02 -1.40 -1.95
CA LEU A 414 -7.62 -2.15 -0.86
C LEU A 414 -9.12 -2.33 -1.07
N LEU A 415 -9.79 -1.30 -1.57
CA LEU A 415 -11.22 -1.40 -1.85
C LEU A 415 -11.49 -2.50 -2.88
N TYR A 416 -10.80 -2.46 -4.01
CA TYR A 416 -11.04 -3.43 -5.07
C TYR A 416 -10.66 -4.84 -4.61
N ALA A 417 -9.62 -4.98 -3.81
CA ALA A 417 -9.22 -6.30 -3.32
C ALA A 417 -10.28 -6.84 -2.37
N GLY A 418 -10.68 -6.04 -1.37
CA GLY A 418 -11.75 -6.47 -0.48
C GLY A 418 -13.03 -6.83 -1.21
N LYS A 419 -13.31 -6.14 -2.32
CA LYS A 419 -14.43 -6.55 -3.15
C LYS A 419 -14.16 -7.87 -3.85
N THR A 420 -12.90 -8.11 -4.23
CA THR A 420 -12.55 -9.35 -4.91
C THR A 420 -12.59 -10.54 -3.97
N LEU A 421 -12.14 -10.37 -2.72
CA LEU A 421 -12.13 -11.46 -1.75
C LEU A 421 -13.48 -11.68 -1.08
N ASP A 422 -14.57 -11.18 -1.66
CA ASP A 422 -15.90 -11.33 -1.10
C ASP A 422 -16.65 -12.46 -1.82
N VAL A 423 -17.39 -13.26 -1.05
CA VAL A 423 -18.10 -14.41 -1.62
C VAL A 423 -19.33 -13.96 -2.38
N LYS A 424 -20.01 -12.92 -1.90
CA LYS A 424 -21.20 -12.43 -2.59
C LYS A 424 -20.90 -12.07 -4.03
N THR A 425 -19.81 -11.32 -4.26
CA THR A 425 -19.47 -10.93 -5.62
C THR A 425 -19.10 -12.12 -6.49
N SER A 426 -18.47 -13.14 -5.90
CA SER A 426 -18.20 -14.35 -6.65
C SER A 426 -19.48 -15.08 -7.03
N LYS A 427 -20.52 -14.96 -6.21
CA LYS A 427 -21.82 -15.55 -6.54
C LYS A 427 -22.58 -14.71 -7.57
N SER A 428 -22.35 -13.40 -7.60
CA SER A 428 -23.20 -12.51 -8.38
C SER A 428 -22.72 -12.25 -9.80
N ILE A 429 -21.42 -12.25 -10.03
CA ILE A 429 -20.88 -11.85 -11.34
C ILE A 429 -20.11 -13.04 -11.91
N PRO A 430 -19.93 -13.09 -13.24
CA PRO A 430 -19.17 -14.19 -13.84
C PRO A 430 -17.71 -14.17 -13.40
N ALA A 431 -17.01 -15.25 -13.72
CA ALA A 431 -15.65 -15.44 -13.24
C ALA A 431 -14.67 -14.48 -13.88
N LYS A 432 -14.85 -14.21 -15.17
CA LYS A 432 -13.92 -13.31 -15.87
C LYS A 432 -13.95 -11.92 -15.25
N GLU A 433 -15.13 -11.43 -14.88
CA GLU A 433 -15.21 -10.14 -14.19
C GLU A 433 -14.50 -10.19 -12.85
N LEU A 434 -14.63 -11.30 -12.12
CA LEU A 434 -13.92 -11.46 -10.86
C LEU A 434 -12.41 -11.31 -11.06
N ASN A 435 -11.88 -11.96 -12.11
CA ASN A 435 -10.45 -11.87 -12.34
C ASN A 435 -10.03 -10.49 -12.83
N LYS A 436 -10.88 -9.80 -13.60
CA LYS A 436 -10.58 -8.42 -13.96
C LYS A 436 -10.52 -7.54 -12.72
N LEU A 437 -11.41 -7.80 -11.76
CA LEU A 437 -11.41 -7.03 -10.52
C LEU A 437 -10.13 -7.29 -9.72
N ASN A 438 -9.74 -8.56 -9.60
CA ASN A 438 -8.47 -8.89 -8.98
C ASN A 438 -7.31 -8.17 -9.67
N GLU A 439 -7.33 -8.15 -11.00
CA GLU A 439 -6.27 -7.50 -11.77
C GLU A 439 -6.23 -6.00 -11.51
N LYS A 440 -7.41 -5.38 -11.38
CA LYS A 440 -7.45 -3.93 -11.11
C LYS A 440 -6.93 -3.62 -9.71
N ALA A 441 -7.27 -4.45 -8.73
CA ALA A 441 -6.72 -4.27 -7.39
C ALA A 441 -5.21 -4.39 -7.39
N LEU A 442 -4.69 -5.42 -8.07
CA LEU A 442 -3.25 -5.58 -8.19
C LEU A 442 -2.62 -4.37 -8.90
N GLN A 443 -3.29 -3.85 -9.92
CA GLN A 443 -2.85 -2.66 -10.62
C GLN A 443 -2.62 -1.51 -9.65
N TYR A 444 -3.65 -1.18 -8.87
CA TYR A 444 -3.55 -0.07 -7.93
C TYR A 444 -2.45 -0.31 -6.90
N LEU A 445 -2.42 -1.51 -6.30
CA LEU A 445 -1.46 -1.76 -5.23
C LEU A 445 -0.03 -1.75 -5.73
N GLU A 446 0.22 -2.32 -6.90
CA GLU A 446 1.57 -2.34 -7.45
C GLU A 446 2.01 -0.95 -7.88
N ARG A 447 1.09 -0.12 -8.38
CA ARG A 447 1.46 1.25 -8.68
C ARG A 447 1.77 2.03 -7.40
N TYR A 448 1.05 1.75 -6.32
CA TYR A 448 1.38 2.35 -5.03
C TYR A 448 2.79 1.96 -4.60
N ILE A 449 3.13 0.68 -4.70
CA ILE A 449 4.47 0.23 -4.33
C ILE A 449 5.52 0.91 -5.20
N LYS A 450 5.24 1.05 -6.50
CA LYS A 450 6.16 1.74 -7.41
C LYS A 450 6.38 3.18 -6.96
N LEU A 451 5.29 3.92 -6.73
CA LEU A 451 5.39 5.33 -6.36
C LEU A 451 6.14 5.49 -5.04
N THR A 452 5.93 4.58 -4.10
CA THR A 452 6.56 4.72 -2.79
C THR A 452 8.04 4.36 -2.82
N VAL A 453 8.43 3.39 -3.65
CA VAL A 453 9.84 3.03 -3.74
C VAL A 453 10.62 4.07 -4.55
N ALA A 454 9.99 4.67 -5.56
CA ALA A 454 10.64 5.70 -6.35
C ALA A 454 11.16 6.82 -5.46
N LYS A 455 10.32 7.33 -4.56
CA LYS A 455 10.75 8.28 -3.54
C LYS A 455 11.35 7.46 -2.40
N LYS A 456 12.66 7.23 -2.48
CA LYS A 456 13.35 6.28 -1.61
C LYS A 456 13.38 6.72 -0.14
N ASN A 457 12.74 7.84 0.17
CA ASN A 457 12.67 8.34 1.53
C ASN A 457 11.46 7.85 2.31
N GLN A 458 10.44 7.32 1.63
CA GLN A 458 9.18 6.98 2.26
C GLN A 458 9.09 5.48 2.54
N LEU A 459 8.41 5.14 3.64
CA LEU A 459 8.28 3.76 4.07
C LEU A 459 7.01 3.14 3.51
N ILE A 460 7.09 1.86 3.17
CA ILE A 460 5.96 1.13 2.61
C ILE A 460 5.02 0.72 3.74
N ILE A 461 3.72 0.90 3.52
CA ILE A 461 2.72 0.31 4.40
C ILE A 461 2.76 -1.20 4.21
N SER A 462 3.20 -1.91 5.24
CA SER A 462 3.49 -3.35 5.15
C SER A 462 2.28 -4.18 4.78
N ARG A 463 1.06 -3.63 4.88
CA ARG A 463 -0.14 -4.44 4.64
C ARG A 463 -0.35 -4.73 3.16
N VAL A 464 0.08 -3.84 2.27
CA VAL A 464 -0.17 -4.01 0.84
C VAL A 464 0.36 -5.36 0.37
N TYR A 465 1.48 -5.82 0.93
CA TYR A 465 2.00 -7.13 0.58
C TYR A 465 1.08 -8.24 1.07
N LEU A 466 0.51 -8.09 2.26
CA LEU A 466 -0.47 -9.07 2.75
C LEU A 466 -1.65 -9.19 1.79
N VAL A 467 -2.14 -8.06 1.28
CA VAL A 467 -3.31 -8.08 0.41
C VAL A 467 -2.95 -8.68 -0.95
N ILE A 468 -1.77 -8.35 -1.48
CA ILE A 468 -1.34 -8.95 -2.75
C ILE A 468 -1.18 -10.45 -2.58
N SER A 469 -0.64 -10.89 -1.43
CA SER A 469 -0.49 -12.32 -1.18
C SER A 469 -1.85 -13.00 -1.09
N GLN A 470 -2.83 -12.34 -0.46
CA GLN A 470 -4.18 -12.91 -0.41
C GLN A 470 -4.77 -13.03 -1.81
N LEU A 471 -4.62 -11.98 -2.63
CA LEU A 471 -5.16 -12.01 -3.98
C LEU A 471 -4.54 -13.14 -4.79
N TYR A 472 -3.24 -13.35 -4.67
CA TYR A 472 -2.61 -14.45 -5.40
C TYR A 472 -2.92 -15.81 -4.77
N GLU A 473 -3.19 -15.84 -3.46
CA GLU A 473 -3.52 -17.09 -2.79
C GLU A 473 -4.90 -17.60 -3.23
N SER A 474 -5.84 -16.68 -3.46
CA SER A 474 -7.17 -17.09 -3.90
C SER A 474 -7.11 -17.89 -5.20
N GLN A 475 -6.14 -17.60 -6.06
CA GLN A 475 -6.02 -18.23 -7.36
C GLN A 475 -5.09 -19.44 -7.37
N ASN A 476 -4.76 -19.98 -6.18
CA ASN A 476 -3.92 -21.16 -6.03
C ASN A 476 -2.51 -20.96 -6.57
N GLN A 477 -2.05 -19.72 -6.68
CA GLN A 477 -0.65 -19.43 -7.01
C GLN A 477 0.12 -19.26 -5.70
N TYR A 478 0.54 -20.39 -5.14
CA TYR A 478 1.16 -20.40 -3.82
C TYR A 478 2.51 -19.70 -3.83
N LYS A 479 3.23 -19.73 -4.96
CA LYS A 479 4.60 -19.22 -5.01
C LYS A 479 4.64 -17.71 -4.81
N ILE A 480 3.91 -16.96 -5.63
CA ILE A 480 3.91 -15.51 -5.53
C ILE A 480 3.31 -15.07 -4.20
N SER A 481 2.30 -15.79 -3.72
CA SER A 481 1.69 -15.47 -2.43
C SER A 481 2.71 -15.62 -1.30
N LEU A 482 3.47 -16.71 -1.32
CA LEU A 482 4.50 -16.92 -0.30
C LEU A 482 5.59 -15.85 -0.39
N ASP A 483 5.98 -15.50 -1.62
CA ASP A 483 7.01 -14.47 -1.79
C ASP A 483 6.55 -13.12 -1.23
N PHE A 484 5.29 -12.75 -1.49
CA PHE A 484 4.78 -11.49 -0.96
C PHE A 484 4.57 -11.55 0.54
N LEU A 485 4.20 -12.70 1.09
CA LEU A 485 4.11 -12.83 2.54
C LEU A 485 5.47 -12.66 3.18
N SER A 486 6.51 -13.23 2.57
CA SER A 486 7.87 -13.06 3.08
C SER A 486 8.31 -11.60 2.97
N LYS A 487 8.03 -10.95 1.83
CA LYS A 487 8.37 -9.55 1.66
C LYS A 487 7.66 -8.67 2.70
N ALA A 488 6.44 -9.04 3.08
CA ALA A 488 5.75 -8.33 4.15
C ALA A 488 6.42 -8.58 5.50
N LEU A 489 6.83 -9.83 5.75
CA LEU A 489 7.52 -10.14 7.00
C LEU A 489 8.80 -9.33 7.14
N GLU A 490 9.52 -9.12 6.08
CA GLU A 490 10.72 -8.38 6.23
C GLU A 490 10.56 -6.98 6.59
N GLU A 491 9.72 -6.29 5.86
CA GLU A 491 9.47 -4.91 6.10
C GLU A 491 8.72 -4.68 7.37
N MSE A 492 7.90 -5.64 7.76
CA MSE A 492 7.18 -5.66 8.96
C MSE A 492 8.07 -5.74 10.11
O MSE A 492 7.66 -5.26 11.13
CB MSE A 492 6.39 -6.93 8.92
CG MSE A 492 5.43 -6.97 10.06
SE MSE A 492 3.86 -7.82 9.31
CE MSE A 492 2.51 -6.82 10.30
N GLU A 493 9.19 -6.46 10.01
CA GLU A 493 10.18 -6.65 11.05
C GLU A 493 11.30 -5.68 10.94
N PHE A 494 11.27 -4.84 9.93
CA PHE A 494 12.31 -3.83 9.66
C PHE A 494 11.90 -2.50 10.23
N VAL A 495 10.89 -2.53 11.06
CA VAL A 495 10.27 -1.46 11.77
C VAL A 495 9.67 -2.22 12.94
N ASN A 496 9.81 -1.80 14.19
CA ASN A 496 9.22 -2.57 15.33
C ASN A 496 9.51 -4.06 15.32
N LYS A 497 10.72 -4.52 15.60
CA LYS A 497 10.99 -5.97 15.41
C LYS A 497 10.20 -7.05 16.14
N ASP A 498 9.41 -6.72 17.12
CA ASP A 498 8.59 -7.71 17.71
C ASP A 498 7.11 -7.59 17.45
N GLU A 499 6.56 -6.74 16.60
CA GLU A 499 5.08 -6.87 16.70
C GLU A 499 4.30 -7.49 15.60
N VAL A 500 4.96 -8.34 14.84
CA VAL A 500 4.37 -9.03 13.74
C VAL A 500 3.20 -9.80 14.23
N PRO A 501 2.10 -9.70 13.54
CA PRO A 501 0.87 -10.41 13.88
C PRO A 501 1.08 -11.92 13.84
N LEU A 502 0.45 -12.61 14.78
CA LEU A 502 0.54 -14.06 14.93
C LEU A 502 0.38 -14.79 13.61
N GLU A 503 -0.56 -14.30 12.79
CA GLU A 503 -0.98 -15.02 11.60
C GLU A 503 0.06 -15.02 10.50
N ILE A 504 1.01 -14.07 10.51
CA ILE A 504 2.00 -14.00 9.44
C ILE A 504 2.98 -15.17 9.55
N LEU A 505 3.50 -15.41 10.76
CA LEU A 505 4.43 -16.51 10.96
C LEU A 505 3.74 -17.87 10.78
N ASN A 506 2.49 -17.97 11.25
CA ASN A 506 1.75 -19.22 11.13
C ASN A 506 1.49 -19.58 9.67
N ASN A 507 1.05 -18.61 8.88
CA ASN A 507 0.74 -18.90 7.48
C ASN A 507 2.01 -19.14 6.67
N LEU A 508 3.08 -18.40 6.98
CA LEU A 508 4.37 -18.69 6.36
C LEU A 508 4.82 -20.11 6.68
N ALA A 509 4.59 -20.56 7.93
CA ALA A 509 4.95 -21.92 8.31
C ALA A 509 4.10 -22.94 7.55
N CYS A 510 2.81 -22.64 7.37
CA CYS A 510 1.96 -23.53 6.58
C CYS A 510 2.47 -23.65 5.14
N TYR A 511 2.84 -22.52 4.54
CA TYR A 511 3.37 -22.55 3.17
C TYR A 511 4.68 -23.33 3.11
N HIS A 512 5.56 -23.14 4.11
CA HIS A 512 6.80 -23.91 4.14
C HIS A 512 6.54 -25.40 4.35
N PHE A 513 5.44 -25.75 5.02
CA PHE A 513 5.04 -27.14 5.11
C PHE A 513 4.61 -27.68 3.76
N ILE A 514 3.86 -26.87 3.00
CA ILE A 514 3.39 -27.30 1.69
C ILE A 514 4.55 -27.71 0.79
N ASN A 515 5.53 -26.82 0.64
CA ASN A 515 6.67 -27.05 -0.23
C ASN A 515 7.93 -27.18 0.61
N GLY A 516 8.62 -28.30 0.46
CA GLY A 516 9.85 -28.54 1.19
C GLY A 516 9.63 -29.18 2.54
N ASP A 517 10.74 -29.34 3.26
CA ASP A 517 10.72 -30.00 4.55
C ASP A 517 10.15 -29.07 5.63
N LEU A 518 10.01 -29.62 6.84
CA LEU A 518 9.29 -28.98 7.92
C LEU A 518 10.20 -28.40 8.99
N THR A 519 11.44 -28.07 8.64
CA THR A 519 12.37 -27.55 9.63
C THR A 519 12.03 -26.10 10.00
N LYS A 520 11.81 -25.25 9.00
CA LYS A 520 11.47 -23.85 9.28
C LYS A 520 10.01 -23.71 9.67
N ALA A 521 9.16 -24.62 9.20
CA ALA A 521 7.73 -24.55 9.51
C ALA A 521 7.49 -24.71 11.00
N ASP A 522 8.14 -25.69 11.63
CA ASP A 522 8.00 -25.89 13.07
C ASP A 522 8.55 -24.69 13.82
N ASN A 523 9.65 -24.12 13.34
CA ASN A 523 10.22 -22.93 13.96
C ASN A 523 9.20 -21.79 13.99
N LEU A 524 8.58 -21.51 12.84
CA LEU A 524 7.63 -20.41 12.77
C LEU A 524 6.36 -20.74 13.55
N PHE A 525 5.93 -22.00 13.55
CA PHE A 525 4.78 -22.39 14.36
C PHE A 525 5.03 -22.16 15.84
N GLU A 526 6.24 -22.48 16.31
CA GLU A 526 6.55 -22.26 17.72
C GLU A 526 6.69 -20.78 18.03
N GLN A 527 7.27 -20.01 17.11
CA GLN A 527 7.33 -18.56 17.29
C GLN A 527 5.94 -17.94 17.37
N ALA A 528 4.97 -18.54 16.67
CA ALA A 528 3.58 -18.09 16.81
C ALA A 528 2.98 -18.57 18.12
N LYS A 529 3.32 -19.79 18.55
CA LYS A 529 2.85 -20.28 19.84
C LYS A 529 3.29 -19.38 20.98
N ALA A 530 4.50 -18.79 20.86
CA ALA A 530 5.01 -17.93 21.92
C ALA A 530 4.08 -16.77 22.20
N LYS A 531 3.69 -16.04 21.16
CA LYS A 531 2.81 -14.88 21.32
C LYS A 531 1.35 -15.32 21.37
N ASN A 536 -5.21 -15.74 22.96
CA ASN A 536 -6.38 -16.23 22.26
C ASN A 536 -6.50 -17.75 22.39
N LYS A 537 -7.67 -18.22 22.81
CA LYS A 537 -7.88 -19.65 22.99
C LYS A 537 -7.92 -20.39 21.67
N SER A 538 -8.38 -19.72 20.61
CA SER A 538 -8.53 -20.36 19.31
C SER A 538 -7.18 -20.65 18.67
N VAL A 539 -6.29 -19.66 18.69
CA VAL A 539 -4.97 -19.81 18.09
C VAL A 539 -4.22 -20.97 18.73
N ASN A 540 -4.42 -21.19 20.04
CA ASN A 540 -3.75 -22.30 20.71
C ASN A 540 -4.11 -23.62 20.05
N ILE A 541 -5.40 -23.92 19.93
CA ILE A 541 -5.83 -25.17 19.30
C ILE A 541 -5.30 -25.25 17.87
N THR A 542 -5.42 -24.15 17.12
CA THR A 542 -5.05 -24.19 15.71
C THR A 542 -3.57 -24.52 15.53
N LEU A 543 -2.70 -23.71 16.14
CA LEU A 543 -1.27 -23.94 15.95
C LEU A 543 -0.76 -25.16 16.71
N GLU A 544 -1.48 -25.65 17.71
CA GLU A 544 -1.11 -26.93 18.31
C GLU A 544 -1.36 -28.07 17.34
N TYR A 545 -2.51 -28.05 16.67
CA TYR A 545 -2.72 -29.01 15.58
C TYR A 545 -1.67 -28.85 14.49
N ASN A 546 -1.27 -27.61 14.22
CA ASN A 546 -0.25 -27.38 13.19
C ASN A 546 1.09 -27.98 13.58
N ILE A 547 1.49 -27.81 14.84
CA ILE A 547 2.77 -28.37 15.30
C ILE A 547 2.70 -29.89 15.33
N ALA A 548 1.57 -30.45 15.76
CA ALA A 548 1.43 -31.90 15.77
C ALA A 548 1.45 -32.46 14.35
N ARG A 549 0.86 -31.73 13.40
CA ARG A 549 0.90 -32.13 12.00
C ARG A 549 2.26 -31.93 11.37
N THR A 550 3.07 -31.02 11.91
CA THR A 550 4.39 -30.72 11.37
C THR A 550 5.47 -31.68 11.85
N SER A 551 5.18 -32.50 12.86
CA SER A 551 6.17 -33.40 13.42
C SER A 551 6.02 -34.85 12.96
N GLU A 552 4.95 -35.18 12.22
CA GLU A 552 4.66 -36.57 11.89
C GLU A 552 5.80 -37.27 11.15
N LYS A 553 6.86 -36.55 10.77
CA LYS A 553 8.04 -37.18 10.20
C LYS A 553 9.21 -37.25 11.17
N THR A 554 9.21 -36.42 12.20
CA THR A 554 10.28 -36.39 13.20
C THR A 554 9.67 -36.20 14.57
N ASN A 555 9.94 -37.15 15.48
CA ASN A 555 9.26 -37.23 16.78
C ASN A 555 7.76 -37.38 16.58
N TRP A 556 7.40 -38.37 15.78
CA TRP A 556 6.05 -38.90 15.56
C TRP A 556 5.26 -38.93 16.88
N GLU A 557 5.96 -39.27 17.96
CA GLU A 557 5.32 -39.41 19.26
C GLU A 557 5.17 -38.10 20.00
N LYS A 558 5.89 -37.06 19.58
CA LYS A 558 5.52 -35.71 19.98
C LYS A 558 4.19 -35.31 19.35
N SER A 559 3.95 -35.79 18.12
CA SER A 559 2.66 -35.55 17.48
C SER A 559 1.53 -36.28 18.20
N GLU A 560 1.79 -37.52 18.60
CA GLU A 560 0.73 -38.31 19.24
C GLU A 560 0.20 -37.63 20.49
N SER A 561 1.10 -37.02 21.28
CA SER A 561 0.71 -36.44 22.56
C SER A 561 -0.15 -35.20 22.35
N ILE A 562 0.30 -34.29 21.49
CA ILE A 562 -0.47 -33.08 21.21
C ILE A 562 -1.82 -33.43 20.62
N TYR A 563 -1.87 -34.44 19.75
CA TYR A 563 -3.14 -34.87 19.21
C TYR A 563 -4.08 -35.37 20.32
N SER A 564 -3.54 -36.16 21.25
CA SER A 564 -4.35 -36.65 22.36
C SER A 564 -4.91 -35.50 23.18
N GLN A 565 -4.05 -34.55 23.57
CA GLN A 565 -4.55 -33.48 24.44
C GLN A 565 -5.43 -32.47 23.70
N ILE A 566 -5.34 -32.41 22.37
CA ILE A 566 -6.38 -31.70 21.62
C ILE A 566 -7.69 -32.47 21.69
N THR A 567 -7.61 -33.80 21.59
CA THR A 567 -8.80 -34.63 21.72
C THR A 567 -9.22 -34.86 23.16
N SER A 568 -8.29 -34.73 24.11
CA SER A 568 -8.60 -34.89 25.53
C SER A 568 -9.30 -33.67 26.12
N SER A 569 -9.33 -32.55 25.40
CA SER A 569 -9.99 -31.34 25.87
C SER A 569 -10.92 -30.69 24.86
N HIS A 570 -10.77 -30.96 23.56
CA HIS A 570 -11.66 -30.47 22.51
C HIS A 570 -12.02 -31.63 21.60
N PRO A 571 -12.91 -32.52 22.04
CA PRO A 571 -13.25 -33.72 21.25
C PRO A 571 -14.28 -33.46 20.16
N SER A 572 -13.98 -32.48 19.31
CA SER A 572 -14.82 -32.26 18.14
C SER A 572 -14.00 -31.75 16.95
N TYR A 573 -12.67 -31.73 17.05
CA TYR A 573 -11.79 -31.30 15.97
C TYR A 573 -11.52 -32.51 15.08
N ILE A 574 -12.20 -32.55 13.93
CA ILE A 574 -12.16 -33.76 13.09
C ILE A 574 -10.75 -34.05 12.60
N SER A 575 -10.02 -33.01 12.20
CA SER A 575 -8.66 -33.20 11.69
C SER A 575 -7.76 -33.82 12.76
N ALA A 576 -7.89 -33.35 13.99
CA ALA A 576 -7.08 -33.89 15.09
C ALA A 576 -7.33 -35.39 15.24
N ARG A 577 -8.60 -35.80 15.26
CA ARG A 577 -8.91 -37.21 15.47
C ARG A 577 -8.47 -38.07 14.30
N ILE A 578 -8.74 -37.62 13.07
CA ILE A 578 -8.28 -38.35 11.89
C ILE A 578 -6.78 -38.57 11.95
N ARG A 579 -6.03 -37.48 12.07
CA ARG A 579 -4.58 -37.58 12.04
C ARG A 579 -4.05 -38.36 13.24
N ASN A 580 -4.73 -38.30 14.39
CA ASN A 580 -4.27 -39.01 15.58
C ASN A 580 -4.44 -40.51 15.42
N LEU A 581 -5.64 -40.95 15.02
CA LEU A 581 -5.87 -42.36 14.76
C LEU A 581 -4.91 -42.89 13.70
N TYR A 582 -4.68 -42.10 12.65
CA TYR A 582 -3.73 -42.50 11.62
C TYR A 582 -2.31 -42.63 12.20
N ILE A 583 -1.82 -41.59 12.87
CA ILE A 583 -0.41 -41.55 13.25
C ILE A 583 -0.10 -42.66 14.24
N LYS A 584 -0.94 -42.83 15.27
CA LYS A 584 -0.67 -43.91 16.22
C LYS A 584 -0.98 -45.27 15.61
N PHE A 585 -1.88 -45.30 14.62
CA PHE A 585 -2.13 -46.52 13.86
C PHE A 585 -0.89 -46.91 13.05
N ALA A 586 -0.36 -45.95 12.29
CA ALA A 586 0.86 -46.18 11.52
C ALA A 586 2.11 -46.17 12.39
N HIS A 587 2.00 -45.81 13.67
CA HIS A 587 3.10 -45.97 14.62
C HIS A 587 2.87 -47.18 15.52
N SER A 588 1.79 -47.93 15.29
CA SER A 588 1.54 -49.21 15.94
C SER A 588 1.36 -49.06 17.46
N LYS A 589 0.36 -48.27 17.83
CA LYS A 589 -0.13 -48.22 19.19
C LYS A 589 -1.64 -48.47 19.16
N ILE A 590 -2.02 -49.62 18.63
CA ILE A 590 -3.40 -49.90 18.29
C ILE A 590 -3.53 -51.34 17.80
N ASN A 591 -4.74 -51.89 17.84
CA ASN A 591 -5.04 -53.14 17.15
C ASN A 591 -6.21 -52.91 16.21
N ASP A 592 -6.39 -53.85 15.27
CA ASP A 592 -7.32 -53.63 14.17
C ASP A 592 -8.75 -53.46 14.65
N SER A 593 -9.12 -54.07 15.77
CA SER A 593 -10.47 -53.95 16.27
C SER A 593 -10.76 -52.56 16.81
N GLU A 594 -9.99 -52.12 17.82
CA GLU A 594 -10.22 -50.82 18.43
C GLU A 594 -10.00 -49.67 17.45
N MSE A 595 -9.41 -49.92 16.30
CA MSE A 595 -9.46 -48.97 15.19
C MSE A 595 -10.91 -48.82 14.77
O MSE A 595 -11.53 -47.78 14.99
CB MSE A 595 -8.62 -49.45 14.01
CG MSE A 595 -8.76 -48.61 12.75
SE MSE A 595 -8.81 -46.69 13.08
CE MSE A 595 -6.92 -46.31 13.28
N ASN A 596 -11.42 -49.90 14.16
CA ASN A 596 -12.77 -49.97 13.58
C ASN A 596 -13.77 -49.24 14.47
N ILE A 597 -14.00 -49.78 15.67
CA ILE A 597 -14.85 -49.16 16.70
C ILE A 597 -14.66 -47.65 16.66
N GLU A 598 -13.48 -47.21 17.12
CA GLU A 598 -13.20 -45.78 17.15
C GLU A 598 -13.49 -45.14 15.80
N ILE A 599 -12.90 -45.69 14.73
CA ILE A 599 -13.10 -45.09 13.42
C ILE A 599 -14.59 -45.11 13.05
N ASN A 600 -15.27 -46.23 13.31
CA ASN A 600 -16.70 -46.27 13.02
C ASN A 600 -17.45 -45.25 13.88
N GLY A 601 -17.04 -45.13 15.15
CA GLY A 601 -17.59 -44.07 15.98
C GLY A 601 -17.38 -42.71 15.37
N LEU A 602 -16.18 -42.46 14.84
CA LEU A 602 -15.93 -41.20 14.15
C LEU A 602 -16.54 -41.18 12.75
N LEU A 603 -16.81 -42.35 12.18
CA LEU A 603 -17.30 -42.40 10.81
C LEU A 603 -18.70 -41.81 10.70
N GLU A 604 -19.64 -42.40 11.43
CA GLU A 604 -21.03 -41.97 11.40
C GLU A 604 -21.33 -40.92 12.45
N MSE A 605 -20.31 -40.35 13.09
CA MSE A 605 -20.46 -39.19 13.95
C MSE A 605 -20.68 -37.97 13.07
O MSE A 605 -21.71 -37.30 13.16
CB MSE A 605 -19.21 -38.99 14.82
CG MSE A 605 -19.38 -37.96 15.93
SE MSE A 605 -20.21 -38.71 17.52
CE MSE A 605 -18.85 -40.02 18.00
N ASN A 606 -19.70 -37.70 12.22
CA ASN A 606 -19.79 -36.69 11.16
C ASN A 606 -20.06 -37.37 9.82
N LYS A 607 -21.16 -38.11 9.77
CA LYS A 607 -21.39 -39.11 8.72
C LYS A 607 -21.48 -38.47 7.34
N SER A 608 -22.27 -37.39 7.22
CA SER A 608 -22.76 -36.97 5.92
C SER A 608 -21.64 -36.53 4.98
N ASP A 609 -20.71 -35.72 5.48
CA ASP A 609 -19.78 -35.05 4.59
C ASP A 609 -18.44 -35.77 4.53
N LEU A 610 -17.51 -35.19 3.79
CA LEU A 610 -16.60 -35.91 2.90
C LEU A 610 -15.22 -36.21 3.47
N GLU A 611 -14.59 -35.27 4.19
CA GLU A 611 -13.20 -35.46 4.59
C GLU A 611 -13.02 -36.75 5.38
N MSE A 612 -13.77 -36.91 6.46
CA MSE A 612 -13.73 -38.13 7.26
C MSE A 612 -13.89 -39.37 6.41
O MSE A 612 -13.10 -40.32 6.50
CB MSE A 612 -14.82 -38.09 8.34
CG MSE A 612 -15.04 -39.43 9.04
SE MSE A 612 -13.48 -40.04 10.03
CE MSE A 612 -13.45 -38.66 11.41
N ARG A 613 -14.93 -39.35 5.55
CA ARG A 613 -15.17 -40.46 4.62
C ARG A 613 -13.90 -40.86 3.88
N SER A 614 -13.15 -39.87 3.39
CA SER A 614 -11.89 -40.15 2.70
C SER A 614 -11.01 -41.04 3.56
N PHE A 615 -10.73 -40.59 4.80
CA PHE A 615 -9.96 -41.41 5.72
C PHE A 615 -10.57 -42.78 5.87
N TYR A 616 -11.90 -42.82 6.03
CA TYR A 616 -12.61 -44.09 6.07
C TYR A 616 -12.24 -44.97 4.89
N GLY A 617 -12.37 -44.43 3.67
CA GLY A 617 -11.95 -45.17 2.51
C GLY A 617 -10.52 -45.64 2.63
N TRP A 618 -9.63 -44.79 3.03
CA TRP A 618 -8.29 -45.23 3.13
C TRP A 618 -8.14 -46.28 4.13
N TYR A 619 -8.96 -46.33 5.17
CA TYR A 619 -8.76 -47.40 6.15
C TYR A 619 -9.03 -48.77 5.53
N LEU A 620 -10.20 -48.87 4.91
CA LEU A 620 -10.64 -50.10 4.36
C LEU A 620 -9.74 -50.56 3.29
N LYS A 621 -9.43 -49.68 2.38
CA LYS A 621 -8.55 -50.08 1.33
C LYS A 621 -7.12 -50.28 1.74
N ASN A 622 -6.51 -49.30 2.35
CA ASN A 622 -5.10 -49.45 2.55
C ASN A 622 -4.48 -50.55 3.38
N SER A 623 -4.95 -50.80 4.60
CA SER A 623 -4.19 -51.76 5.38
C SER A 623 -4.78 -52.93 6.11
N GLU A 624 -5.74 -52.67 6.98
CA GLU A 624 -6.28 -53.77 7.74
C GLU A 624 -7.52 -54.41 7.18
N GLU A 625 -8.17 -55.12 8.06
CA GLU A 625 -9.31 -55.92 7.70
C GLU A 625 -10.23 -55.64 6.53
N ARG A 626 -10.62 -54.41 6.25
CA ARG A 626 -11.69 -54.25 5.26
C ARG A 626 -11.41 -54.20 3.74
N LYS A 627 -10.32 -54.83 3.30
CA LYS A 627 -9.95 -54.87 1.88
C LYS A 627 -11.10 -55.45 1.05
N ASN A 628 -11.84 -56.37 1.65
CA ASN A 628 -13.02 -56.84 1.00
C ASN A 628 -13.69 -55.61 0.45
N SER A 629 -14.10 -55.73 -0.78
CA SER A 629 -14.67 -54.61 -1.42
C SER A 629 -16.11 -54.40 -1.13
N GLU A 630 -16.80 -55.22 -0.36
CA GLU A 630 -18.24 -54.98 -0.20
C GLU A 630 -18.55 -53.59 0.40
N LYS A 631 -17.87 -53.28 1.50
CA LYS A 631 -18.01 -51.98 2.15
C LYS A 631 -17.48 -50.87 1.22
N SER A 632 -16.40 -51.18 0.52
CA SER A 632 -15.78 -50.21 -0.35
C SER A 632 -16.76 -49.80 -1.41
N THR A 633 -17.44 -50.76 -2.02
CA THR A 633 -18.35 -50.43 -3.08
C THR A 633 -19.48 -49.64 -2.52
N SER A 634 -19.97 -50.10 -1.40
CA SER A 634 -21.07 -49.41 -0.81
C SER A 634 -20.77 -48.02 -0.37
N HIS A 635 -19.59 -47.77 0.20
CA HIS A 635 -19.42 -46.44 0.77
C HIS A 635 -18.74 -45.48 -0.20
N ASN A 636 -17.79 -45.95 -1.01
CA ASN A 636 -17.19 -45.05 -1.99
C ASN A 636 -18.16 -44.68 -3.11
N LYS A 637 -19.21 -45.50 -3.32
CA LYS A 637 -20.32 -45.05 -4.14
C LYS A 637 -21.19 -44.06 -3.37
N GLU A 638 -21.46 -44.36 -2.09
CA GLU A 638 -22.27 -43.49 -1.25
C GLU A 638 -21.74 -42.06 -1.22
N THR A 639 -20.42 -41.90 -1.34
CA THR A 639 -19.85 -40.56 -1.47
C THR A 639 -20.45 -39.81 -2.66
N LEU A 640 -20.89 -40.54 -3.69
CA LEU A 640 -21.43 -39.92 -4.90
C LEU A 640 -22.90 -40.22 -5.16
N VAL A 641 -23.56 -41.04 -4.33
CA VAL A 641 -24.95 -41.39 -4.60
C VAL A 641 -25.83 -40.17 -4.33
N LYS A 642 -26.65 -39.81 -5.33
CA LYS A 642 -27.66 -38.76 -5.25
C LYS A 642 -27.09 -37.42 -4.78
N TYR A 643 -25.77 -37.28 -4.73
CA TYR A 643 -25.09 -35.99 -4.71
C TYR A 643 -24.62 -35.68 -6.13
N ASN A 644 -24.34 -34.41 -6.37
CA ASN A 644 -23.77 -33.99 -7.64
C ASN A 644 -22.25 -33.94 -7.62
N SER A 645 -21.64 -34.38 -6.53
CA SER A 645 -20.23 -34.13 -6.28
C SER A 645 -19.34 -34.76 -7.35
N HIS A 646 -18.64 -33.90 -8.09
CA HIS A 646 -17.58 -34.33 -8.99
C HIS A 646 -16.24 -34.49 -8.29
N ASP A 647 -16.23 -34.63 -6.96
CA ASP A 647 -14.99 -34.59 -6.21
C ASP A 647 -14.11 -35.79 -6.55
N ALA A 648 -12.80 -35.57 -6.46
CA ALA A 648 -11.88 -36.45 -7.18
C ALA A 648 -11.50 -37.69 -6.39
N TYR A 649 -11.31 -37.55 -5.07
CA TYR A 649 -10.71 -38.63 -4.29
C TYR A 649 -11.55 -39.90 -4.35
N ALA A 650 -12.79 -39.84 -3.88
CA ALA A 650 -13.60 -41.04 -3.73
C ALA A 650 -13.98 -41.63 -5.09
N LEU A 651 -14.33 -40.78 -6.06
CA LEU A 651 -14.70 -41.29 -7.38
C LEU A 651 -13.50 -41.88 -8.12
N ILE A 652 -12.31 -41.32 -7.91
CA ILE A 652 -11.10 -41.90 -8.49
C ILE A 652 -10.78 -43.24 -7.83
N SER A 653 -10.97 -43.33 -6.52
CA SER A 653 -10.84 -44.62 -5.84
C SER A 653 -11.78 -45.65 -6.46
N LEU A 654 -13.04 -45.26 -6.65
CA LEU A 654 -14.01 -46.17 -7.24
C LEU A 654 -13.58 -46.61 -8.64
N ALA A 655 -13.13 -45.65 -9.46
CA ALA A 655 -12.73 -45.97 -10.83
C ALA A 655 -11.55 -46.93 -10.86
N ASN A 656 -10.48 -46.61 -10.12
CA ASN A 656 -9.27 -47.42 -10.22
C ASN A 656 -9.45 -48.77 -9.55
N LEU A 657 -10.19 -48.83 -8.43
CA LEU A 657 -10.46 -50.13 -7.82
C LEU A 657 -11.56 -50.89 -8.56
N TYR A 658 -12.25 -50.26 -9.50
CA TYR A 658 -13.09 -50.99 -10.44
C TYR A 658 -12.24 -51.60 -11.55
N VAL A 659 -11.25 -50.85 -12.04
CA VAL A 659 -10.35 -51.42 -13.05
C VAL A 659 -9.49 -52.53 -12.43
N THR A 660 -9.28 -52.51 -11.12
CA THR A 660 -8.64 -53.66 -10.48
C THR A 660 -9.49 -54.92 -10.63
N ILE A 661 -10.80 -54.77 -10.55
CA ILE A 661 -11.71 -55.89 -10.81
C ILE A 661 -11.69 -56.23 -12.30
N ALA A 662 -11.52 -55.23 -13.16
CA ALA A 662 -11.48 -55.47 -14.60
C ALA A 662 -10.33 -56.39 -14.99
N ARG A 663 -9.27 -56.43 -14.19
CA ARG A 663 -8.08 -57.23 -14.47
C ARG A 663 -8.41 -58.70 -14.74
N GLN A 674 -15.24 -62.60 -20.58
CA GLN A 674 -14.36 -61.45 -20.45
C GLN A 674 -14.87 -60.27 -21.27
N GLU A 675 -16.13 -60.34 -21.69
CA GLU A 675 -16.77 -59.19 -22.31
C GLU A 675 -17.12 -58.13 -21.26
N LYS A 676 -17.54 -58.57 -20.08
CA LYS A 676 -17.71 -57.64 -18.96
C LYS A 676 -16.38 -57.13 -18.46
N SER A 677 -15.28 -57.81 -18.75
CA SER A 677 -13.96 -57.22 -18.49
C SER A 677 -13.75 -56.00 -19.37
N LYS A 678 -14.08 -56.11 -20.67
CA LYS A 678 -14.11 -54.94 -21.54
C LYS A 678 -15.01 -53.86 -20.96
N HIS A 679 -16.21 -54.25 -20.52
CA HIS A 679 -17.13 -53.32 -19.88
C HIS A 679 -16.44 -52.52 -18.76
N SER A 680 -15.86 -53.23 -17.80
CA SER A 680 -15.27 -52.58 -16.64
C SER A 680 -14.08 -51.70 -17.03
N TYR A 681 -13.28 -52.16 -17.99
CA TYR A 681 -12.17 -51.34 -18.45
C TYR A 681 -12.66 -50.02 -19.03
N LEU A 682 -13.67 -50.07 -19.90
CA LEU A 682 -14.16 -48.82 -20.48
C LEU A 682 -14.85 -47.94 -19.44
N LYS A 683 -15.47 -48.54 -18.42
CA LYS A 683 -16.02 -47.75 -17.32
C LYS A 683 -14.92 -46.96 -16.61
N ALA A 684 -13.83 -47.65 -16.27
CA ALA A 684 -12.72 -46.99 -15.60
C ALA A 684 -12.12 -45.88 -16.47
N ILE A 685 -12.00 -46.13 -17.77
CA ILE A 685 -11.49 -45.10 -18.68
C ILE A 685 -12.41 -43.89 -18.67
N GLN A 686 -13.72 -44.12 -18.72
CA GLN A 686 -14.70 -43.04 -18.67
C GLN A 686 -14.50 -42.19 -17.43
N LEU A 687 -14.41 -42.83 -16.26
CA LEU A 687 -14.28 -42.07 -15.02
C LEU A 687 -12.96 -41.33 -14.95
N TYR A 688 -11.89 -41.94 -15.48
CA TYR A 688 -10.60 -41.25 -15.57
C TYR A 688 -10.74 -39.95 -16.37
N GLN A 689 -11.37 -40.02 -17.56
CA GLN A 689 -11.56 -38.82 -18.36
C GLN A 689 -12.39 -37.79 -17.62
N LYS A 690 -13.47 -38.25 -16.96
CA LYS A 690 -14.38 -37.32 -16.31
C LYS A 690 -13.68 -36.55 -15.19
N VAL A 691 -12.88 -37.25 -14.38
CA VAL A 691 -12.16 -36.53 -13.31
C VAL A 691 -10.98 -35.74 -13.87
N LEU A 692 -10.43 -36.12 -15.02
CA LEU A 692 -9.37 -35.33 -15.63
C LEU A 692 -9.92 -34.02 -16.19
N GLN A 693 -11.22 -34.01 -16.54
CA GLN A 693 -11.81 -32.79 -17.09
C GLN A 693 -11.81 -31.65 -16.08
N ILE A 694 -12.24 -31.92 -14.85
CA ILE A 694 -12.39 -30.85 -13.86
C ILE A 694 -11.02 -30.34 -13.41
N ASP A 695 -10.05 -31.24 -13.26
CA ASP A 695 -8.70 -30.87 -12.81
C ASP A 695 -7.68 -31.64 -13.64
N PRO A 696 -7.06 -31.00 -14.63
CA PRO A 696 -6.02 -31.69 -15.40
C PRO A 696 -4.82 -32.10 -14.56
N PHE A 697 -4.46 -31.31 -13.55
CA PHE A 697 -3.29 -31.60 -12.73
C PHE A 697 -3.49 -32.79 -11.80
N ASN A 698 -4.67 -33.41 -11.81
CA ASN A 698 -4.91 -34.61 -11.01
C ASN A 698 -3.92 -35.70 -11.42
N VAL A 699 -2.78 -35.75 -10.74
CA VAL A 699 -1.71 -36.67 -11.11
C VAL A 699 -2.20 -38.12 -11.08
N PHE A 700 -3.10 -38.44 -10.15
CA PHE A 700 -3.50 -39.83 -9.98
C PHE A 700 -4.42 -40.32 -11.10
N ALA A 701 -5.22 -39.43 -11.69
CA ALA A 701 -6.01 -39.82 -12.86
C ALA A 701 -5.10 -40.14 -14.04
N ALA A 702 -4.13 -39.26 -14.32
CA ALA A 702 -3.17 -39.54 -15.38
C ALA A 702 -2.35 -40.78 -15.07
N GLN A 703 -2.11 -41.08 -13.80
CA GLN A 703 -1.36 -42.27 -13.43
C GLN A 703 -2.19 -43.53 -13.67
N GLY A 704 -3.49 -43.47 -13.37
CA GLY A 704 -4.36 -44.58 -13.73
C GLY A 704 -4.48 -44.77 -15.23
N VAL A 705 -4.44 -43.68 -16.00
CA VAL A 705 -4.45 -43.81 -17.45
C VAL A 705 -3.15 -44.41 -17.95
N ALA A 706 -2.03 -44.07 -17.31
CA ALA A 706 -0.76 -44.72 -17.64
C ALA A 706 -0.82 -46.21 -17.29
N ILE A 707 -1.51 -46.54 -16.20
CA ILE A 707 -1.73 -47.94 -15.81
C ILE A 707 -2.47 -48.68 -16.93
N ILE A 708 -3.62 -48.14 -17.34
CA ILE A 708 -4.42 -48.77 -18.39
C ILE A 708 -3.63 -48.85 -19.70
N PHE A 709 -2.85 -47.80 -20.00
CA PHE A 709 -1.98 -47.84 -21.16
C PHE A 709 -0.93 -48.95 -21.03
N ALA A 710 -0.32 -49.06 -19.85
CA ALA A 710 0.75 -50.04 -19.66
C ALA A 710 0.22 -51.46 -19.54
N GLU A 711 -0.96 -51.64 -18.95
CA GLU A 711 -1.45 -52.98 -18.65
C GLU A 711 -1.74 -53.76 -19.93
N SER A 712 -2.54 -53.18 -20.83
CA SER A 712 -2.95 -53.88 -22.04
C SER A 712 -1.95 -53.68 -23.20
N LYS A 713 -0.67 -53.90 -22.90
CA LYS A 713 0.37 -54.05 -23.91
C LYS A 713 0.52 -52.82 -24.80
N ARG A 714 0.20 -51.64 -24.28
CA ARG A 714 0.55 -50.40 -24.97
C ARG A 714 1.55 -49.63 -24.10
N LEU A 715 2.68 -50.27 -23.79
CA LEU A 715 3.64 -49.78 -22.83
C LEU A 715 4.64 -48.80 -23.43
N GLY A 716 4.28 -48.15 -24.54
CA GLY A 716 5.11 -47.12 -25.12
C GLY A 716 4.80 -45.76 -24.54
N PRO A 717 3.62 -45.23 -24.86
CA PRO A 717 3.20 -43.96 -24.24
C PRO A 717 3.01 -44.06 -22.73
N ALA A 718 2.79 -45.26 -22.19
CA ALA A 718 2.60 -45.40 -20.75
C ALA A 718 3.88 -45.09 -20.00
N LEU A 719 5.03 -45.57 -20.49
CA LEU A 719 6.29 -45.22 -19.88
C LEU A 719 6.54 -43.72 -19.93
N GLU A 720 6.16 -43.09 -21.04
CA GLU A 720 6.28 -41.64 -21.16
C GLU A 720 5.44 -40.93 -20.12
N ILE A 721 4.19 -41.35 -19.97
CA ILE A 721 3.30 -40.72 -18.99
C ILE A 721 3.84 -40.91 -17.58
N LEU A 722 4.39 -42.09 -17.28
CA LEU A 722 4.93 -42.32 -15.95
C LEU A 722 6.19 -41.50 -15.70
N ARG A 723 7.07 -41.41 -16.70
CA ARG A 723 8.26 -40.56 -16.60
C ARG A 723 7.86 -39.12 -16.32
N LYS A 724 6.78 -38.65 -16.95
CA LYS A 724 6.31 -37.30 -16.65
C LYS A 724 5.73 -37.22 -15.24
N ILE A 725 4.92 -38.20 -14.85
CA ILE A 725 4.28 -38.20 -13.53
C ILE A 725 5.32 -38.10 -12.43
N ARG A 726 6.47 -38.77 -12.61
CA ARG A 726 7.51 -38.71 -11.59
C ARG A 726 8.07 -37.30 -11.41
N ASP A 727 7.89 -36.41 -12.38
CA ASP A 727 8.35 -35.04 -12.24
C ASP A 727 7.55 -34.27 -11.19
N SER A 728 6.38 -34.78 -10.80
CA SER A 728 5.59 -34.19 -9.71
C SER A 728 5.49 -35.15 -8.54
N LEU A 729 4.87 -36.31 -8.72
CA LEU A 729 4.80 -37.30 -7.66
C LEU A 729 6.17 -37.92 -7.44
N ASP A 730 6.50 -38.16 -6.17
CA ASP A 730 7.78 -38.75 -5.80
C ASP A 730 7.59 -39.88 -4.79
N ASN A 731 6.42 -40.51 -4.79
CA ASN A 731 6.17 -41.61 -3.88
C ASN A 731 6.87 -42.88 -4.36
N GLU A 732 6.86 -43.89 -3.51
CA GLU A 732 7.41 -45.19 -3.92
C GLU A 732 6.46 -45.91 -4.86
N ASP A 733 5.16 -45.59 -4.81
CA ASP A 733 4.16 -46.31 -5.61
C ASP A 733 4.35 -46.05 -7.09
N VAL A 734 4.32 -44.78 -7.51
CA VAL A 734 4.39 -44.46 -8.93
C VAL A 734 5.75 -44.82 -9.50
N GLN A 735 6.82 -44.69 -8.71
CA GLN A 735 8.14 -45.06 -9.20
C GLN A 735 8.27 -46.58 -9.34
N LEU A 736 7.66 -47.33 -8.43
CA LEU A 736 7.59 -48.77 -8.61
C LEU A 736 6.80 -49.13 -9.87
N ASN A 737 5.69 -48.42 -10.11
CA ASN A 737 4.94 -48.62 -11.35
C ASN A 737 5.81 -48.35 -12.57
N LEU A 738 6.59 -47.27 -12.53
CA LEU A 738 7.56 -46.97 -13.58
C LEU A 738 8.48 -48.16 -13.83
N ALA A 739 9.12 -48.64 -12.78
CA ALA A 739 10.06 -49.74 -12.94
C ALA A 739 9.38 -51.05 -13.34
N HIS A 740 8.08 -51.19 -13.10
CA HIS A 740 7.34 -52.33 -13.62
C HIS A 740 7.29 -52.31 -15.14
N CYS A 741 6.89 -51.17 -15.70
CA CYS A 741 6.72 -51.06 -17.15
C CYS A 741 8.03 -51.23 -17.89
N LEU A 742 9.16 -50.91 -17.24
CA LEU A 742 10.44 -51.02 -17.91
C LEU A 742 10.90 -52.47 -18.00
N LEU A 743 10.58 -53.28 -16.98
CA LEU A 743 10.90 -54.70 -17.04
C LEU A 743 10.05 -55.41 -18.08
N GLU A 744 8.79 -55.00 -18.19
CA GLU A 744 7.94 -55.62 -19.18
C GLU A 744 8.37 -55.26 -20.55
N MSE A 745 8.61 -53.99 -20.76
CA MSE A 745 9.03 -53.47 -22.04
C MSE A 745 10.38 -53.82 -22.54
O MSE A 745 10.50 -54.13 -23.73
CB MSE A 745 8.84 -51.95 -21.98
CG MSE A 745 9.93 -51.11 -22.64
SE MSE A 745 10.49 -49.59 -21.52
CE MSE A 745 11.06 -48.28 -22.86
N ARG A 746 11.42 -53.83 -21.73
CA ARG A 746 12.74 -54.01 -22.26
C ARG A 746 13.71 -54.50 -21.25
N GLU A 747 14.97 -54.38 -21.59
CA GLU A 747 16.07 -54.88 -20.78
C GLU A 747 16.21 -54.23 -19.44
N PHE A 748 16.98 -54.88 -18.57
CA PHE A 748 17.11 -54.55 -17.14
C PHE A 748 17.56 -53.24 -16.49
N GLY A 749 18.57 -52.51 -16.96
CA GLY A 749 18.94 -51.35 -16.12
C GLY A 749 17.81 -50.35 -15.89
N LYS A 750 17.19 -49.82 -16.94
CA LYS A 750 15.94 -49.12 -16.66
C LYS A 750 15.04 -49.87 -15.68
N ALA A 751 15.03 -51.20 -15.67
CA ALA A 751 14.20 -51.85 -14.65
C ALA A 751 14.87 -51.85 -13.28
N ILE A 752 16.14 -52.30 -13.21
CA ILE A 752 16.81 -52.45 -11.92
C ILE A 752 17.18 -51.09 -11.34
N GLU A 753 17.75 -50.20 -12.17
CA GLU A 753 18.17 -48.87 -11.74
C GLU A 753 17.12 -48.20 -10.88
N ASN A 754 15.85 -48.49 -11.14
CA ASN A 754 14.77 -47.86 -10.38
C ASN A 754 14.40 -48.63 -9.12
N TYR A 755 14.83 -49.89 -8.97
CA TYR A 755 14.45 -50.66 -7.79
C TYR A 755 15.29 -50.29 -6.57
N GLU A 756 16.59 -50.08 -6.74
CA GLU A 756 17.41 -49.52 -5.66
C GLU A 756 16.89 -48.14 -5.27
N LEU A 757 16.48 -47.35 -6.27
CA LEU A 757 15.91 -46.03 -6.02
C LEU A 757 14.54 -46.13 -5.32
N VAL A 758 13.80 -47.21 -5.57
CA VAL A 758 12.61 -47.50 -4.76
C VAL A 758 13.01 -47.72 -3.31
N LEU A 759 14.00 -48.58 -3.09
CA LEU A 759 14.37 -48.94 -1.72
C LEU A 759 14.84 -47.71 -0.95
N LYS A 760 15.60 -46.84 -1.59
CA LYS A 760 16.06 -45.61 -0.95
C LYS A 760 15.05 -44.47 -1.07
N LYS A 761 13.80 -44.78 -1.40
CA LYS A 761 12.74 -43.78 -1.39
C LYS A 761 12.06 -43.71 -0.02
N PHE A 762 11.70 -44.85 0.53
CA PHE A 762 11.05 -44.91 1.83
C PHE A 762 11.42 -46.22 2.53
N ASP A 763 11.38 -46.18 3.87
CA ASP A 763 11.62 -47.38 4.69
C ASP A 763 10.35 -48.21 4.80
N ASN A 764 9.82 -48.60 3.64
CA ASN A 764 8.62 -49.42 3.57
C ASN A 764 9.05 -50.89 3.67
N GLU A 765 8.78 -51.50 4.82
CA GLU A 765 9.19 -52.88 5.04
C GLU A 765 8.34 -53.88 4.29
N ARG A 766 7.15 -53.48 3.81
CA ARG A 766 6.32 -54.37 3.03
C ARG A 766 6.75 -54.35 1.56
N THR A 767 7.14 -53.18 1.06
CA THR A 767 7.64 -53.10 -0.30
C THR A 767 9.07 -53.60 -0.44
N ARG A 768 9.76 -53.94 0.63
CA ARG A 768 11.05 -54.59 0.42
C ARG A 768 10.78 -56.04 0.01
N PRO A 769 9.90 -56.77 0.73
CA PRO A 769 9.23 -57.92 0.11
C PRO A 769 8.75 -57.71 -1.31
N HIS A 770 7.95 -56.66 -1.56
CA HIS A 770 7.45 -56.45 -2.91
C HIS A 770 8.57 -56.27 -3.93
N ILE A 771 9.72 -55.74 -3.49
CA ILE A 771 10.82 -55.42 -4.39
C ILE A 771 11.63 -56.66 -4.71
N LEU A 772 11.85 -57.54 -3.74
CA LEU A 772 12.90 -58.54 -3.93
C LEU A 772 12.50 -59.66 -4.88
N ASN A 773 11.21 -60.00 -4.97
CA ASN A 773 10.80 -61.03 -5.92
C ASN A 773 10.91 -60.52 -7.36
N LEU A 774 10.41 -59.32 -7.63
CA LEU A 774 10.57 -58.76 -8.96
C LEU A 774 12.02 -58.36 -9.24
N LEU A 775 12.84 -58.20 -8.20
CA LEU A 775 14.29 -58.09 -8.39
C LEU A 775 14.87 -59.41 -8.85
N GLY A 776 14.38 -60.52 -8.29
CA GLY A 776 14.73 -61.83 -8.83
C GLY A 776 14.34 -61.97 -10.28
N ARG A 777 13.18 -61.42 -10.65
CA ARG A 777 12.78 -61.39 -12.06
C ARG A 777 13.74 -60.55 -12.91
N ALA A 778 14.15 -59.40 -12.36
CA ALA A 778 15.02 -58.48 -13.10
C ALA A 778 16.39 -59.10 -13.36
N TRP A 779 16.92 -59.85 -12.39
CA TRP A 779 18.19 -60.53 -12.61
C TRP A 779 18.02 -61.85 -13.34
N TYR A 780 16.83 -62.43 -13.27
CA TYR A 780 16.41 -63.50 -14.18
C TYR A 780 16.65 -63.09 -15.62
N SER A 781 16.02 -62.00 -16.05
CA SER A 781 15.95 -61.67 -17.47
C SER A 781 17.32 -61.49 -18.16
N ARG A 782 18.39 -61.13 -17.43
CA ARG A 782 19.67 -60.81 -18.08
C ARG A 782 20.81 -61.75 -17.71
N GLY A 783 20.68 -62.49 -16.62
CA GLY A 783 21.48 -63.68 -16.52
C GLY A 783 20.95 -64.80 -17.37
N MSE A 784 19.73 -64.66 -17.87
CA MSE A 784 19.16 -65.62 -18.78
C MSE A 784 19.33 -65.18 -20.23
O MSE A 784 19.09 -65.95 -21.15
CB MSE A 784 17.67 -65.85 -18.47
CG MSE A 784 17.43 -66.79 -17.31
SE MSE A 784 17.88 -68.64 -17.74
CE MSE A 784 19.67 -68.72 -16.97
N LYS A 785 19.75 -63.92 -20.42
CA LYS A 785 20.16 -63.49 -21.76
C LYS A 785 21.39 -64.26 -22.22
N GLU A 786 22.26 -64.63 -21.29
CA GLU A 786 23.46 -65.42 -21.55
C GLU A 786 24.07 -65.77 -20.20
N ARG A 787 24.86 -66.85 -20.20
CA ARG A 787 25.44 -67.33 -18.95
C ARG A 787 26.34 -66.27 -18.34
N SER A 788 26.03 -65.88 -17.11
CA SER A 788 26.84 -64.94 -16.35
C SER A 788 26.96 -65.44 -14.91
N VAL A 789 28.19 -65.75 -14.49
CA VAL A 789 28.41 -66.35 -13.18
C VAL A 789 28.70 -65.33 -12.09
N SER A 790 29.08 -64.10 -12.45
CA SER A 790 29.32 -63.07 -11.45
C SER A 790 28.07 -62.30 -11.08
N PHE A 791 27.10 -62.21 -11.98
CA PHE A 791 25.86 -61.46 -11.73
C PHE A 791 24.81 -62.35 -11.08
N PHE A 792 24.83 -63.64 -11.42
CA PHE A 792 23.92 -64.62 -10.85
C PHE A 792 24.00 -64.65 -9.32
N GLN A 793 25.20 -64.47 -8.78
CA GLN A 793 25.37 -64.64 -7.33
C GLN A 793 24.74 -63.50 -6.55
N LYS A 794 24.85 -62.27 -7.06
CA LYS A 794 24.17 -61.16 -6.40
C LYS A 794 22.67 -61.22 -6.62
N ALA A 795 22.24 -61.74 -7.79
CA ALA A 795 20.84 -62.12 -7.96
C ALA A 795 20.37 -63.04 -6.84
N LEU A 796 21.14 -64.09 -6.60
CA LEU A 796 20.81 -65.08 -5.57
C LEU A 796 20.79 -64.43 -4.18
N GLU A 797 21.71 -63.51 -3.93
CA GLU A 797 21.72 -62.79 -2.64
C GLU A 797 20.41 -62.02 -2.43
N ASN A 798 19.98 -61.29 -3.47
CA ASN A 798 18.72 -60.56 -3.36
C ASN A 798 17.55 -61.51 -3.12
N ALA A 799 17.54 -62.65 -3.82
CA ALA A 799 16.46 -63.62 -3.62
C ALA A 799 16.49 -64.21 -2.21
N LYS A 800 17.69 -64.40 -1.64
CA LYS A 800 17.82 -64.87 -0.27
C LYS A 800 17.19 -63.88 0.69
N THR A 801 17.55 -62.61 0.57
CA THR A 801 16.94 -61.59 1.41
C THR A 801 15.42 -61.56 1.23
N ALA A 802 14.95 -61.82 0.00
CA ALA A 802 13.53 -61.95 -0.25
C ALA A 802 12.90 -63.01 0.64
N LEU A 803 13.37 -64.25 0.51
CA LEU A 803 12.78 -65.34 1.28
C LEU A 803 12.85 -65.08 2.77
N GLU A 804 13.95 -64.49 3.23
CA GLU A 804 14.06 -64.19 4.66
C GLU A 804 12.98 -63.20 5.09
N LEU A 805 12.81 -62.12 4.33
CA LEU A 805 11.77 -61.14 4.67
C LEU A 805 10.38 -61.75 4.59
N PHE A 806 10.19 -62.80 3.80
CA PHE A 806 8.86 -63.38 3.68
C PHE A 806 8.58 -64.40 4.77
N VAL A 807 9.61 -65.09 5.24
CA VAL A 807 9.43 -66.03 6.34
C VAL A 807 9.30 -65.29 7.68
N GLN A 808 10.00 -64.16 7.84
CA GLN A 808 10.02 -63.49 9.13
C GLN A 808 8.66 -62.92 9.51
N GLN A 809 7.97 -62.30 8.57
CA GLN A 809 6.74 -61.57 8.86
C GLN A 809 5.54 -62.51 8.99
N SER A 810 4.42 -61.94 9.43
CA SER A 810 3.11 -62.60 9.42
C SER A 810 2.45 -62.54 8.05
N ALA A 811 3.25 -62.71 7.00
CA ALA A 811 2.75 -62.76 5.63
C ALA A 811 3.12 -64.12 5.05
N LYS A 812 2.10 -64.93 4.75
CA LYS A 812 2.27 -66.30 4.32
C LYS A 812 1.55 -66.52 2.99
N ASN A 813 1.69 -65.53 2.11
CA ASN A 813 1.01 -65.51 0.81
C ASN A 813 1.64 -66.56 -0.10
N LYS A 814 1.33 -66.44 -1.36
CA LYS A 814 1.96 -67.29 -2.29
C LYS A 814 3.47 -66.99 -2.24
N PHE A 815 3.79 -65.84 -1.64
CA PHE A 815 5.15 -65.32 -1.65
C PHE A 815 6.18 -66.27 -1.08
N ILE A 816 5.86 -66.97 0.00
CA ILE A 816 6.88 -67.87 0.51
C ILE A 816 7.22 -68.94 -0.51
N HIS A 817 6.19 -69.52 -1.10
CA HIS A 817 6.42 -70.57 -2.06
C HIS A 817 7.19 -70.10 -3.25
N SER A 818 6.72 -69.00 -3.78
CA SER A 818 7.35 -68.53 -4.97
C SER A 818 8.72 -67.99 -4.76
N VAL A 819 8.93 -67.38 -3.60
CA VAL A 819 10.25 -66.86 -3.30
C VAL A 819 11.22 -68.01 -3.16
N LYS A 820 10.77 -69.09 -2.55
CA LYS A 820 11.65 -70.20 -2.41
C LYS A 820 12.00 -70.74 -3.76
N PHE A 821 11.05 -70.90 -4.66
CA PHE A 821 11.48 -71.47 -5.93
C PHE A 821 12.45 -70.67 -6.72
N ASN A 822 12.16 -69.37 -6.83
CA ASN A 822 13.09 -68.51 -7.55
C ASN A 822 14.52 -68.68 -7.04
N ILE A 823 14.66 -68.83 -5.72
CA ILE A 823 15.98 -69.12 -5.15
C ILE A 823 16.48 -70.47 -5.62
N ALA A 824 15.60 -71.46 -5.71
CA ALA A 824 16.01 -72.79 -6.16
C ALA A 824 16.57 -72.73 -7.57
N LEU A 825 15.88 -72.01 -8.46
CA LEU A 825 16.36 -71.87 -9.83
C LEU A 825 17.67 -71.08 -9.88
N LEU A 826 17.80 -70.06 -9.03
CA LEU A 826 19.07 -69.33 -8.96
C LEU A 826 20.21 -70.23 -8.54
N GLN A 827 19.98 -71.07 -7.53
CA GLN A 827 20.99 -72.04 -7.10
C GLN A 827 21.36 -72.97 -8.24
N PHE A 828 20.36 -73.47 -8.96
CA PHE A 828 20.62 -74.40 -10.06
C PHE A 828 21.48 -73.74 -11.13
N GLN A 829 21.16 -72.50 -11.50
CA GLN A 829 21.91 -71.82 -12.55
C GLN A 829 23.28 -71.34 -12.11
N ILE A 830 23.48 -71.11 -10.81
CA ILE A 830 24.81 -70.70 -10.34
C ILE A 830 25.77 -71.87 -10.32
N ALA A 831 25.28 -73.08 -10.07
CA ALA A 831 26.13 -74.26 -10.06
C ALA A 831 26.72 -74.57 -11.43
N GLU A 832 26.32 -73.85 -12.48
CA GLU A 832 26.88 -74.04 -13.80
C GLU A 832 28.36 -73.67 -13.85
N ASP A 849 33.45 -71.79 -3.92
CA ASP A 849 32.37 -72.49 -3.22
C ASP A 849 31.20 -72.76 -4.15
N SER A 850 31.49 -73.40 -5.28
CA SER A 850 30.45 -73.72 -6.25
C SER A 850 29.62 -74.94 -5.81
N LEU A 851 30.30 -76.03 -5.46
CA LEU A 851 29.61 -77.25 -5.08
C LEU A 851 28.79 -77.08 -3.81
N GLU A 852 29.15 -76.13 -2.95
CA GLU A 852 28.39 -75.92 -1.72
C GLU A 852 27.04 -75.27 -2.01
N GLY A 853 27.05 -74.22 -2.81
CA GLY A 853 25.80 -73.67 -3.31
C GLY A 853 25.01 -74.69 -4.11
N LEU A 854 25.70 -75.58 -4.84
CA LEU A 854 25.03 -76.65 -5.55
C LEU A 854 24.30 -77.58 -4.58
N GLU A 855 24.97 -77.95 -3.48
CA GLU A 855 24.35 -78.82 -2.48
C GLU A 855 23.14 -78.15 -1.84
N GLU A 856 23.27 -76.86 -1.49
CA GLU A 856 22.12 -76.14 -0.96
C GLU A 856 20.98 -76.09 -1.97
N GLY A 857 21.31 -75.99 -3.25
CA GLY A 857 20.28 -76.02 -4.28
C GLY A 857 19.58 -77.37 -4.35
N LEU A 858 20.35 -78.45 -4.33
CA LEU A 858 19.76 -79.78 -4.24
C LEU A 858 18.81 -79.87 -3.05
N ALA A 859 19.26 -79.37 -1.89
CA ALA A 859 18.47 -79.49 -0.67
C ALA A 859 17.15 -78.74 -0.79
N LEU A 860 17.21 -77.48 -1.23
CA LEU A 860 15.97 -76.70 -1.32
C LEU A 860 15.05 -77.22 -2.41
N PHE A 861 15.59 -77.74 -3.52
CA PHE A 861 14.74 -78.30 -4.56
C PHE A 861 14.11 -79.62 -4.11
N LYS A 862 14.80 -80.37 -3.25
CA LYS A 862 14.20 -81.57 -2.66
C LYS A 862 13.11 -81.18 -1.66
N GLU A 863 13.32 -80.08 -0.94
CA GLU A 863 12.26 -79.54 -0.08
C GLU A 863 11.04 -79.16 -0.90
N LEU A 864 11.26 -78.61 -2.09
CA LEU A 864 10.16 -78.22 -2.97
C LEU A 864 9.50 -79.41 -3.66
N ASN A 865 10.00 -80.63 -3.47
CA ASN A 865 9.37 -81.80 -4.05
C ASN A 865 8.17 -82.24 -3.23
N LYS A 875 6.68 -79.85 -11.27
CA LYS A 875 5.82 -80.95 -10.86
C LYS A 875 6.53 -82.31 -10.95
N GLU A 876 5.87 -83.27 -11.56
CA GLU A 876 6.37 -84.64 -11.63
C GLU A 876 7.61 -84.72 -12.53
N GLU A 877 7.45 -84.40 -13.81
CA GLU A 877 8.58 -84.41 -14.74
C GLU A 877 9.72 -83.54 -14.22
N LEU A 878 9.39 -82.43 -13.56
CA LEU A 878 10.42 -81.56 -13.02
C LEU A 878 11.25 -82.27 -11.94
N GLU A 879 10.59 -82.99 -11.03
CA GLU A 879 11.35 -83.63 -9.96
C GLU A 879 12.08 -84.88 -10.44
N GLN A 880 11.57 -85.58 -11.45
CA GLN A 880 12.36 -86.67 -12.03
C GLN A 880 13.59 -86.13 -12.75
N ARG A 881 13.41 -85.01 -13.47
CA ARG A 881 14.56 -84.28 -13.99
C ARG A 881 15.51 -83.88 -12.88
N ILE A 882 14.98 -83.54 -11.70
CA ILE A 882 15.82 -83.17 -10.57
C ILE A 882 16.65 -84.37 -10.12
N GLN A 883 16.04 -85.56 -10.08
CA GLN A 883 16.79 -86.76 -9.74
C GLN A 883 17.95 -86.98 -10.70
N LEU A 884 17.65 -87.07 -11.99
CA LEU A 884 18.69 -87.29 -12.98
C LEU A 884 19.71 -86.15 -12.98
N GLY A 885 19.27 -84.93 -12.69
CA GLY A 885 20.17 -83.80 -12.70
C GLY A 885 21.04 -83.69 -11.47
N GLU A 886 20.57 -84.18 -10.33
CA GLU A 886 21.45 -84.35 -9.18
C GLU A 886 22.55 -85.34 -9.53
N THR A 887 22.15 -86.51 -10.04
CA THR A 887 23.13 -87.53 -10.44
C THR A 887 24.15 -86.96 -11.41
N THR A 888 23.69 -86.15 -12.37
CA THR A 888 24.62 -85.51 -13.31
C THR A 888 25.48 -84.47 -12.60
N MSE A 889 24.84 -83.48 -11.99
CA MSE A 889 25.44 -82.24 -11.54
C MSE A 889 26.41 -82.38 -10.38
O MSE A 889 27.47 -81.78 -10.43
CB MSE A 889 24.34 -81.26 -11.14
CG MSE A 889 24.77 -79.80 -11.18
SE MSE A 889 25.15 -79.20 -12.99
CE MSE A 889 23.44 -79.65 -13.82
N LYS A 890 26.06 -83.11 -9.33
CA LYS A 890 26.98 -83.23 -8.20
C LYS A 890 28.32 -83.80 -8.66
N SER A 891 28.27 -84.93 -9.38
CA SER A 891 29.48 -85.56 -9.86
C SER A 891 30.21 -84.68 -10.87
N ALA A 892 29.48 -84.11 -11.84
CA ALA A 892 30.13 -83.31 -12.87
C ALA A 892 30.77 -82.05 -12.29
N LEU A 893 30.17 -81.47 -11.25
CA LEU A 893 30.77 -80.31 -10.60
C LEU A 893 31.99 -80.70 -9.79
N GLU A 894 31.96 -81.87 -9.15
CA GLU A 894 33.19 -82.37 -8.53
C GLU A 894 34.30 -82.56 -9.58
N ARG A 895 33.93 -83.02 -10.77
CA ARG A 895 34.90 -83.18 -11.84
C ARG A 895 35.48 -81.84 -12.26
N SER A 896 34.62 -80.86 -12.49
CA SER A 896 35.07 -79.52 -12.86
C SER A 896 35.98 -78.93 -11.77
N LEU A 897 35.64 -79.18 -10.50
CA LEU A 897 36.44 -78.62 -9.41
C LEU A 897 37.81 -79.29 -9.34
N ASN A 898 37.87 -80.61 -9.57
CA ASN A 898 39.17 -81.27 -9.54
C ASN A 898 40.03 -80.88 -10.74
N GLU A 899 39.41 -80.71 -11.92
CA GLU A 899 40.15 -80.20 -13.07
C GLU A 899 40.68 -78.79 -12.80
N GLN A 900 39.84 -77.94 -12.20
CA GLN A 900 40.26 -76.59 -11.84
C GLN A 900 41.42 -76.62 -10.85
N GLU A 901 41.37 -77.54 -9.87
CA GLU A 901 42.46 -77.61 -8.90
C GLU A 901 43.75 -78.11 -9.56
N GLU A 902 43.64 -79.04 -10.51
CA GLU A 902 44.83 -79.53 -11.19
C GLU A 902 45.46 -78.44 -12.05
N PHE A 903 44.64 -77.64 -12.73
CA PHE A 903 45.19 -76.57 -13.55
C PHE A 903 45.60 -75.34 -12.72
N GLU A 904 45.09 -75.22 -11.49
CA GLU A 904 45.64 -74.24 -10.56
C GLU A 904 47.00 -74.69 -10.04
N LYS A 905 47.20 -76.00 -9.89
CA LYS A 905 48.49 -76.53 -9.46
C LYS A 905 49.61 -76.04 -10.36
N ASP A 906 49.53 -76.34 -11.66
CA ASP A 906 50.53 -75.93 -12.63
C ASP A 906 50.73 -74.42 -12.64
N ALA B 10 7.74 -62.54 -9.99
CA ALA B 10 6.65 -61.72 -9.45
C ALA B 10 5.70 -61.29 -10.56
N PRO B 11 4.40 -61.30 -10.27
CA PRO B 11 3.43 -60.81 -11.26
C PRO B 11 3.47 -59.29 -11.34
N ILE B 12 2.89 -58.77 -12.42
CA ILE B 12 2.72 -57.33 -12.60
C ILE B 12 1.30 -56.97 -12.20
N LYS B 13 1.18 -55.97 -11.33
CA LYS B 13 -0.12 -55.54 -10.82
C LYS B 13 -0.01 -54.06 -10.50
N TYR B 14 -0.65 -53.23 -11.32
CA TYR B 14 -0.58 -51.79 -11.17
C TYR B 14 -1.57 -51.32 -10.11
N GLN B 15 -1.12 -50.43 -9.24
CA GLN B 15 -1.94 -49.93 -8.13
C GLN B 15 -1.89 -48.41 -8.12
N ASN B 16 -3.04 -47.78 -8.34
CA ASN B 16 -3.16 -46.33 -8.24
C ASN B 16 -3.50 -45.98 -6.78
N SER B 17 -2.49 -46.16 -5.93
CA SER B 17 -2.65 -45.99 -4.48
C SER B 17 -2.91 -44.53 -4.17
N LEU B 18 -4.18 -44.20 -3.88
CA LEU B 18 -4.54 -42.85 -3.50
C LEU B 18 -3.76 -42.41 -2.26
N PRO B 19 -3.53 -41.11 -2.09
CA PRO B 19 -2.77 -40.67 -0.93
C PRO B 19 -3.64 -40.69 0.32
N VAL B 20 -2.97 -40.65 1.47
CA VAL B 20 -3.69 -40.49 2.73
C VAL B 20 -4.43 -39.16 2.69
N PRO B 21 -5.67 -39.07 3.20
CA PRO B 21 -6.35 -37.76 3.23
C PRO B 21 -5.53 -36.69 3.93
N GLN B 22 -4.65 -36.06 3.17
CA GLN B 22 -3.67 -35.11 3.70
C GLN B 22 -4.36 -33.78 3.96
N LEU B 23 -4.70 -33.51 5.23
CA LEU B 23 -5.18 -32.21 5.63
C LEU B 23 -4.01 -31.44 6.26
N PRO B 24 -3.35 -30.56 5.52
CA PRO B 24 -2.14 -29.90 6.03
C PRO B 24 -2.48 -28.88 7.09
N PRO B 25 -1.48 -28.22 7.68
CA PRO B 25 -1.77 -27.19 8.69
C PRO B 25 -2.79 -26.15 8.22
N LYS B 26 -3.58 -25.66 9.16
CA LYS B 26 -4.62 -24.68 8.86
C LYS B 26 -4.05 -23.28 8.85
N LEU B 27 -4.60 -22.44 7.98
CA LEU B 27 -4.23 -21.03 7.92
C LEU B 27 -5.09 -20.22 8.89
N LEU B 28 -4.55 -19.09 9.31
CA LEU B 28 -5.23 -18.18 10.23
C LEU B 28 -5.54 -16.88 9.50
N ALA B 29 -6.77 -16.39 9.68
CA ALA B 29 -7.14 -15.09 9.13
C ALA B 29 -6.54 -13.97 9.97
N TYR B 30 -6.33 -12.83 9.33
CA TYR B 30 -5.67 -11.71 9.99
C TYR B 30 -6.65 -10.91 10.84
N PRO B 31 -6.20 -10.36 11.96
CA PRO B 31 -7.10 -9.57 12.81
C PRO B 31 -7.33 -8.18 12.26
N GLU B 32 -8.02 -7.32 13.03
CA GLU B 32 -8.27 -5.96 12.59
C GLU B 32 -6.95 -5.19 12.46
N ALA B 33 -6.86 -4.37 11.43
CA ALA B 33 -5.77 -3.40 11.27
C ALA B 33 -6.38 -2.06 10.89
N PRO B 34 -7.13 -1.44 11.82
CA PRO B 34 -7.88 -0.23 11.45
C PRO B 34 -7.01 0.93 11.03
N GLU B 35 -5.74 0.96 11.45
CA GLU B 35 -4.84 2.03 11.02
C GLU B 35 -4.55 1.95 9.53
N THR B 36 -4.65 0.76 8.94
CA THR B 36 -4.30 0.55 7.54
C THR B 36 -5.51 0.31 6.64
N ASN B 37 -6.72 0.32 7.20
CA ASN B 37 -7.91 0.23 6.38
C ASN B 37 -8.06 1.49 5.52
N PRO B 38 -8.80 1.40 4.42
CA PRO B 38 -8.99 2.57 3.56
C PRO B 38 -9.74 3.71 4.23
N ASP B 39 -10.55 3.43 5.24
CA ASP B 39 -11.26 4.45 5.99
C ASP B 39 -10.42 5.11 7.07
N SER B 40 -9.11 4.86 7.08
CA SER B 40 -8.24 5.36 8.14
C SER B 40 -7.89 6.84 7.91
N SER B 41 -7.96 7.62 8.98
CA SER B 41 -7.53 9.01 8.92
C SER B 41 -6.02 9.13 8.81
N GLN B 42 -5.28 8.06 9.12
CA GLN B 42 -3.83 8.13 9.06
C GLN B 42 -3.34 8.31 7.63
N LEU B 43 -4.11 7.87 6.64
CA LEU B 43 -3.77 8.15 5.26
C LEU B 43 -3.85 9.65 4.97
N ILE B 44 -4.91 10.29 5.47
CA ILE B 44 -5.03 11.74 5.30
C ILE B 44 -3.92 12.46 6.07
N ASN B 45 -3.48 11.94 7.21
CA ASN B 45 -2.38 12.57 7.93
C ASN B 45 -1.05 12.41 7.19
N SER B 46 -0.82 11.22 6.61
CA SER B 46 0.36 11.02 5.78
C SER B 46 0.36 11.99 4.61
N LEU B 47 -0.82 12.26 4.04
CA LEU B 47 -0.92 13.25 2.98
C LEU B 47 -0.68 14.66 3.51
N TYR B 48 -1.18 14.94 4.71
CA TYR B 48 -0.98 16.26 5.32
C TYR B 48 0.49 16.58 5.48
N VAL B 49 1.28 15.59 5.89
CA VAL B 49 2.72 15.80 6.02
C VAL B 49 3.30 16.36 4.74
N LYS B 50 2.75 15.97 3.59
CA LYS B 50 3.26 16.47 2.31
C LYS B 50 2.65 17.82 1.93
N THR B 51 1.37 17.99 1.92
CA THR B 51 0.74 19.15 1.40
C THR B 51 0.09 19.94 2.45
N ASN B 52 0.73 20.15 3.55
CA ASN B 52 0.09 20.71 4.66
C ASN B 52 -0.57 22.05 4.85
N ILE B 53 0.03 23.12 4.50
CA ILE B 53 -0.51 24.40 4.84
C ILE B 53 -0.76 25.24 3.69
N SER B 54 -0.85 24.66 2.54
CA SER B 54 -0.97 25.41 1.36
C SER B 54 -2.21 26.01 1.07
N ASN B 55 -3.28 25.68 1.71
CA ASN B 55 -4.53 26.26 1.34
C ASN B 55 -4.67 27.40 2.21
N LEU B 56 -3.59 27.76 2.89
CA LEU B 56 -3.65 28.86 3.84
C LEU B 56 -2.76 30.03 3.47
N ILE B 57 -1.86 29.87 2.49
CA ILE B 57 -0.90 30.93 2.18
C ILE B 57 -1.62 32.20 1.75
N GLN B 58 -2.74 32.05 1.05
CA GLN B 58 -3.63 33.17 0.80
C GLN B 58 -4.45 33.42 2.06
N GLN B 59 -4.21 34.56 2.72
CA GLN B 59 -4.87 34.88 3.98
C GLN B 59 -6.25 35.49 3.77
N ASP B 60 -6.39 36.40 2.82
CA ASP B 60 -7.66 37.03 2.50
C ASP B 60 -7.72 37.26 1.00
N GLU B 61 -8.80 37.88 0.54
CA GLU B 61 -8.87 38.24 -0.87
C GLU B 61 -7.89 39.34 -1.23
N ASP B 62 -7.47 40.14 -0.25
CA ASP B 62 -6.42 41.14 -0.45
C ASP B 62 -5.05 40.53 -0.61
N LEU B 63 -4.92 39.20 -0.47
CA LEU B 63 -3.67 38.47 -0.66
C LEU B 63 -2.58 38.95 0.30
N GLY B 64 -2.96 39.53 1.43
CA GLY B 64 -2.00 40.09 2.36
C GLY B 64 -1.35 41.37 1.87
N MSE B 65 -1.93 42.02 0.87
CA MSE B 65 -1.34 43.22 0.28
C MSE B 65 -2.38 44.33 0.14
O MSE B 65 -2.86 44.59 -0.96
CB MSE B 65 -0.73 42.90 -1.07
CG MSE B 65 -0.02 41.56 -1.14
SE MSE B 65 0.63 41.10 -2.91
CE MSE B 65 1.88 42.57 -3.07
N PRO B 66 -2.71 45.00 1.25
CA PRO B 66 -3.72 46.06 1.22
C PRO B 66 -3.20 47.34 0.57
N VAL B 67 -3.97 47.87 -0.37
CA VAL B 67 -3.63 49.12 -1.04
C VAL B 67 -4.17 50.28 -0.21
N ASP B 68 -3.27 51.17 0.19
CA ASP B 68 -3.57 52.20 1.18
C ASP B 68 -3.62 53.61 0.62
N LEU B 69 -2.64 53.99 -0.22
CA LEU B 69 -2.46 55.35 -0.72
C LEU B 69 -2.14 56.34 0.40
N MSE B 70 -2.18 55.89 1.64
CA MSE B 70 -1.91 56.73 2.79
C MSE B 70 -0.44 56.58 3.19
O MSE B 70 -0.01 57.05 4.24
CB MSE B 70 -2.83 56.36 3.95
CG MSE B 70 -3.25 57.53 4.82
SE MSE B 70 -5.16 57.51 5.23
CE MSE B 70 -5.25 55.82 6.20
N LYS B 71 0.32 55.91 2.33
CA LYS B 71 1.73 55.64 2.55
C LYS B 71 2.62 56.34 1.53
N PHE B 72 2.04 57.19 0.68
CA PHE B 72 2.79 57.94 -0.31
C PHE B 72 2.77 59.42 0.04
N PRO B 73 3.80 59.94 0.70
CA PRO B 73 3.80 61.35 1.09
C PRO B 73 3.62 62.27 -0.11
N GLY B 74 2.84 63.34 0.11
CA GLY B 74 2.55 64.31 -0.93
C GLY B 74 1.37 63.96 -1.80
N LEU B 75 0.86 62.73 -1.74
CA LEU B 75 -0.20 62.30 -2.64
C LEU B 75 -1.57 62.80 -2.17
N LEU B 76 -2.00 62.36 -0.99
CA LEU B 76 -3.34 62.67 -0.51
C LEU B 76 -3.45 64.04 0.14
N ASN B 77 -2.34 64.74 0.35
CA ASN B 77 -2.36 66.06 0.96
C ASN B 77 -1.94 67.17 0.01
N LYS B 78 -0.83 67.00 -0.70
CA LYS B 78 -0.28 68.03 -1.57
C LYS B 78 -0.56 67.78 -3.04
N LEU B 79 -1.35 66.76 -3.37
CA LEU B 79 -1.73 66.43 -4.75
C LEU B 79 -0.50 66.17 -5.62
N ASP B 80 0.57 65.65 -5.02
CA ASP B 80 1.83 65.39 -5.72
C ASP B 80 1.98 63.88 -5.85
N SER B 81 1.62 63.35 -7.02
CA SER B 81 1.62 61.92 -7.29
C SER B 81 2.96 61.42 -7.82
N LYS B 82 4.06 61.91 -7.24
CA LYS B 82 5.40 61.56 -7.73
C LYS B 82 5.85 60.18 -7.26
N LEU B 83 5.51 59.78 -6.03
CA LEU B 83 6.01 58.53 -5.48
C LEU B 83 5.29 57.30 -6.01
N LEU B 84 4.24 57.46 -6.82
CA LEU B 84 3.58 56.31 -7.40
C LEU B 84 4.36 55.71 -8.56
N TYR B 85 5.48 56.32 -8.94
CA TYR B 85 6.26 55.88 -10.09
C TYR B 85 7.64 55.38 -9.69
N GLY B 86 7.89 55.20 -8.40
CA GLY B 86 9.09 54.52 -7.95
C GLY B 86 10.33 55.41 -7.95
N PHE B 87 11.47 54.76 -7.94
CA PHE B 87 12.76 55.38 -7.86
C PHE B 87 13.67 54.98 -8.98
N ASP B 88 14.75 55.70 -9.18
CA ASP B 88 15.66 55.42 -10.26
C ASP B 88 16.99 54.83 -9.85
N ASN B 89 17.50 53.92 -10.64
CA ASN B 89 18.77 53.28 -10.39
C ASN B 89 18.97 52.63 -9.05
N VAL B 90 18.04 51.84 -8.61
CA VAL B 90 18.21 51.15 -7.38
C VAL B 90 19.01 49.94 -7.68
N LYS B 91 19.97 49.64 -6.83
CA LYS B 91 20.78 48.43 -6.95
C LYS B 91 20.35 47.49 -5.84
N LEU B 92 19.56 46.49 -6.21
CA LEU B 92 18.97 45.57 -5.24
C LEU B 92 20.04 44.76 -4.52
N ASP B 93 19.75 44.43 -3.27
CA ASP B 93 20.59 43.51 -2.52
C ASP B 93 20.46 42.10 -3.11
N LYS B 94 21.40 41.23 -2.74
CA LYS B 94 21.40 39.87 -3.27
C LYS B 94 20.12 39.12 -2.89
N ASP B 95 19.57 39.41 -1.71
CA ASP B 95 18.35 38.73 -1.28
C ASP B 95 17.17 39.11 -2.17
N ASP B 96 17.07 40.39 -2.52
CA ASP B 96 16.02 40.82 -3.44
C ASP B 96 16.30 40.39 -4.87
N ARG B 97 17.57 40.18 -5.22
CA ARG B 97 17.91 39.80 -6.59
C ARG B 97 17.64 38.32 -6.86
N ILE B 98 17.83 37.45 -5.87
CA ILE B 98 17.50 36.04 -6.07
C ILE B 98 16.00 35.86 -6.22
N LEU B 99 15.21 36.77 -5.64
CA LEU B 99 13.77 36.70 -5.76
C LEU B 99 13.30 36.96 -7.19
N LEU B 100 14.14 37.57 -8.02
CA LEU B 100 13.77 37.94 -9.37
C LEU B 100 13.83 36.76 -10.34
N ARG B 101 14.32 35.61 -9.92
CA ARG B 101 14.47 34.48 -10.81
C ARG B 101 13.15 33.76 -11.01
N ASP B 102 13.14 32.86 -11.98
CA ASP B 102 11.94 32.14 -12.39
C ASP B 102 11.72 30.92 -11.51
N PRO B 103 10.48 30.43 -11.45
CA PRO B 103 10.16 29.35 -10.51
C PRO B 103 10.61 27.99 -11.00
N ARG B 104 10.64 27.04 -10.07
CA ARG B 104 10.89 25.62 -10.34
C ARG B 104 12.13 25.42 -11.20
N ILE B 105 13.20 26.14 -10.83
CA ILE B 105 14.44 26.11 -11.59
C ILE B 105 15.39 25.02 -11.11
N ASP B 106 15.04 24.28 -10.06
CA ASP B 106 15.75 23.07 -9.67
C ASP B 106 15.00 21.90 -10.29
N ARG B 107 15.39 21.54 -11.51
CA ARG B 107 14.71 20.47 -12.25
C ARG B 107 15.69 19.42 -12.75
N LEU C 9 10.83 50.20 -24.95
CA LEU C 9 10.69 49.39 -23.75
C LEU C 9 12.05 49.16 -23.09
N LYS C 10 13.12 49.54 -23.79
CA LYS C 10 14.47 49.34 -23.30
C LYS C 10 14.80 50.27 -22.14
N THR C 11 14.13 50.08 -21.00
CA THR C 11 14.41 50.85 -19.80
C THR C 11 15.45 50.12 -18.95
N ARG C 12 16.12 50.89 -18.09
CA ARG C 12 17.05 50.26 -17.15
C ARG C 12 16.32 49.31 -16.22
N THR C 13 15.06 49.60 -15.90
CA THR C 13 14.29 48.71 -15.04
C THR C 13 14.06 47.35 -15.70
N LYS C 14 13.52 47.35 -16.92
CA LYS C 14 13.23 46.09 -17.60
C LYS C 14 14.52 45.30 -17.86
N VAL C 15 15.54 45.98 -18.41
CA VAL C 15 16.79 45.30 -18.75
C VAL C 15 17.47 44.77 -17.49
N TYR C 16 17.49 45.58 -16.42
CA TYR C 16 18.08 45.16 -15.16
C TYR C 16 17.37 43.95 -14.58
N TYR C 17 16.04 43.98 -14.53
CA TYR C 17 15.26 42.85 -14.05
C TYR C 17 15.54 41.61 -14.89
N GLN C 18 15.60 41.75 -16.21
CA GLN C 18 15.77 40.59 -17.08
C GLN C 18 17.17 39.99 -16.95
N GLU C 19 18.20 40.83 -16.81
CA GLU C 19 19.55 40.28 -16.71
C GLU C 19 19.81 39.69 -15.33
N ILE C 20 19.26 40.29 -14.26
CA ILE C 20 19.33 39.65 -12.95
C ILE C 20 18.59 38.33 -12.97
N GLN C 21 17.44 38.28 -13.66
CA GLN C 21 16.69 37.04 -13.82
C GLN C 21 17.54 35.98 -14.51
N LYS C 22 18.18 36.35 -15.62
CA LYS C 22 19.05 35.43 -16.35
C LYS C 22 20.16 34.90 -15.46
N GLU C 23 20.85 35.80 -14.75
CA GLU C 23 21.99 35.38 -13.94
C GLU C 23 21.56 34.44 -12.82
N GLU C 24 20.47 34.78 -12.12
CA GLU C 24 20.02 33.94 -11.02
C GLU C 24 19.52 32.59 -11.53
N ASN C 25 18.84 32.58 -12.67
CA ASN C 25 18.41 31.31 -13.27
C ASN C 25 19.60 30.43 -13.59
N ALA C 26 20.63 31.01 -14.21
CA ALA C 26 21.81 30.22 -14.55
C ALA C 26 22.47 29.67 -13.29
N LYS C 27 22.66 30.52 -12.29
CA LYS C 27 23.28 30.09 -11.03
C LYS C 27 22.48 28.93 -10.42
N ALA C 28 21.17 29.08 -10.33
CA ALA C 28 20.36 28.08 -9.65
C ALA C 28 20.30 26.77 -10.42
N LYS C 29 20.21 26.84 -11.75
CA LYS C 29 20.21 25.62 -12.55
C LYS C 29 21.53 24.88 -12.42
N GLU C 30 22.65 25.61 -12.51
CA GLU C 30 23.95 24.96 -12.36
C GLU C 30 24.14 24.38 -10.97
N MSE C 31 23.60 25.05 -9.94
CA MSE C 31 23.69 24.52 -8.58
C MSE C 31 22.88 23.25 -8.43
O MSE C 31 23.31 22.30 -7.79
CB MSE C 31 23.22 25.57 -7.56
CG MSE C 31 24.31 26.50 -7.07
SE MSE C 31 23.80 27.50 -5.47
CE MSE C 31 22.44 28.65 -6.26
N ALA C 32 21.69 23.24 -9.04
CA ALA C 32 20.84 22.05 -8.99
C ALA C 32 21.53 20.87 -9.67
N GLN C 33 22.20 21.12 -10.80
CA GLN C 33 22.89 20.04 -11.51
C GLN C 33 23.98 19.42 -10.66
N GLN C 34 24.83 20.25 -10.05
CA GLN C 34 25.97 19.78 -9.29
C GLN C 34 25.60 19.27 -7.90
N GLU C 35 24.32 19.28 -7.53
CA GLU C 35 23.92 18.93 -6.17
C GLU C 35 24.11 17.44 -5.91
N LYS C 36 23.36 16.60 -6.63
CA LYS C 36 23.34 15.17 -6.33
C LYS C 36 24.68 14.50 -6.62
N LEU C 37 25.33 14.90 -7.70
CA LEU C 37 26.53 14.20 -8.14
C LEU C 37 27.68 14.37 -7.16
N GLN C 38 27.96 15.60 -6.74
CA GLN C 38 29.23 15.91 -6.10
C GLN C 38 29.13 16.54 -4.72
N GLU C 39 28.12 17.36 -4.45
CA GLU C 39 28.18 18.23 -3.28
C GLU C 39 28.11 17.42 -1.98
N ASP C 40 27.05 16.65 -1.79
CA ASP C 40 26.81 15.92 -0.55
C ASP C 40 26.74 14.43 -0.88
N ARG C 41 27.83 13.73 -0.65
CA ARG C 41 27.90 12.29 -0.92
C ARG C 41 28.86 11.64 0.07
N GLU C 42 29.33 10.44 -0.26
CA GLU C 42 30.22 9.64 0.58
C GLU C 42 29.54 9.30 1.92
N THR C 43 28.61 8.36 1.81
CA THR C 43 27.85 7.73 2.89
C THR C 43 26.94 8.69 3.66
N LYS C 44 26.72 9.91 3.17
CA LYS C 44 25.63 10.72 3.72
C LYS C 44 24.27 10.23 3.23
N GLU C 45 24.25 9.40 2.18
CA GLU C 45 23.01 8.77 1.76
C GLU C 45 22.46 7.87 2.86
N ARG C 46 23.34 7.17 3.58
CA ARG C 46 22.90 6.23 4.59
C ARG C 46 22.48 6.92 5.88
N ARG C 47 22.91 8.17 6.08
CA ARG C 47 22.30 8.99 7.11
C ARG C 47 20.89 9.43 6.73
N GLU C 48 20.58 9.46 5.44
CA GLU C 48 19.22 9.67 4.97
C GLU C 48 18.39 8.41 5.07
N LYS C 49 19.01 7.27 5.41
CA LYS C 49 18.25 6.11 5.84
C LYS C 49 17.77 6.24 7.27
N GLU C 50 18.46 7.04 8.08
CA GLU C 50 17.88 7.47 9.35
C GLU C 50 16.58 8.21 9.12
N LEU C 51 16.55 9.05 8.09
CA LEU C 51 15.32 9.73 7.70
C LEU C 51 14.22 8.72 7.35
N LEU C 52 14.60 7.56 6.84
CA LEU C 52 13.61 6.52 6.52
C LEU C 52 12.94 5.99 7.78
N LEU C 53 13.71 5.77 8.84
CA LEU C 53 13.20 5.24 10.10
C LEU C 53 12.60 6.33 10.99
N ALA C 54 12.16 7.45 10.44
CA ALA C 54 11.59 8.52 11.23
C ALA C 54 10.18 8.18 11.67
N GLN C 55 9.85 8.50 12.93
CA GLN C 55 8.53 8.17 13.45
C GLN C 55 7.47 9.10 12.89
N PHE C 56 7.71 10.41 12.95
CA PHE C 56 6.72 11.38 12.46
C PHE C 56 6.44 11.22 10.98
N ARG C 57 7.32 10.55 10.24
CA ARG C 57 7.18 10.41 8.80
C ARG C 57 6.49 9.11 8.39
N ARG C 58 5.96 8.34 9.34
CA ARG C 58 5.26 7.12 9.00
C ARG C 58 3.93 7.07 9.74
N LEU C 59 3.16 6.02 9.43
CA LEU C 59 1.75 5.96 9.82
C LEU C 59 1.58 6.08 11.32
N GLY C 60 0.76 7.04 11.74
CA GLY C 60 0.47 7.27 13.14
C GLY C 60 1.51 8.09 13.89
N GLY C 61 2.62 8.42 13.25
CA GLY C 61 3.71 9.07 13.97
C GLY C 61 3.48 10.55 14.22
N LEU C 62 2.77 11.22 13.30
CA LEU C 62 2.54 12.66 13.44
C LEU C 62 1.83 12.98 14.76
N GLU C 63 0.74 12.26 15.06
CA GLU C 63 0.04 12.49 16.31
C GLU C 63 0.95 12.18 17.50
N ARG C 64 1.52 10.97 17.54
CA ARG C 64 2.38 10.56 18.63
C ARG C 64 3.41 11.62 18.97
N MSE C 65 4.23 12.00 18.00
CA MSE C 65 5.23 13.05 18.18
C MSE C 65 4.60 14.34 18.69
O MSE C 65 5.06 14.92 19.67
CB MSE C 65 5.97 13.31 16.87
CG MSE C 65 6.77 12.13 16.35
SE MSE C 65 8.14 11.50 17.58
CE MSE C 65 7.17 10.04 18.41
N ILE C 66 3.52 14.78 18.05
CA ILE C 66 2.86 16.01 18.49
C ILE C 66 2.27 15.85 19.88
N GLY C 67 1.87 14.62 20.24
CA GLY C 67 1.45 14.38 21.62
C GLY C 67 2.58 14.54 22.61
N GLU C 68 3.81 14.21 22.21
CA GLU C 68 4.96 14.31 23.10
C GLU C 68 5.34 15.76 23.40
N LEU C 69 4.86 16.72 22.60
CA LEU C 69 5.31 18.10 22.74
C LEU C 69 4.85 18.69 24.06
N ASP C 70 5.77 19.36 24.76
CA ASP C 70 5.45 19.92 26.08
C ASP C 70 4.55 21.15 25.96
N ILE C 71 4.79 21.99 24.95
CA ILE C 71 4.08 23.25 24.83
C ILE C 71 2.59 23.00 24.56
N LYS C 72 1.76 23.87 25.12
CA LYS C 72 0.32 23.85 24.84
C LYS C 72 -0.25 25.22 25.17
N PHE C 73 -1.51 25.41 24.79
CA PHE C 73 -2.17 26.71 24.81
C PHE C 73 -3.16 26.80 25.96
N ASP C 74 -3.58 28.03 26.26
CA ASP C 74 -4.63 28.31 27.23
C ASP C 74 -5.85 28.75 26.43
N PHE C 75 -6.81 27.83 26.26
CA PHE C 75 -7.89 28.03 25.32
C PHE C 75 -8.88 29.08 25.81
N LYS C 76 -9.51 29.77 24.86
CA LYS C 76 -10.63 30.64 25.15
C LYS C 76 -11.87 30.28 24.34
N PHE C 77 -11.77 29.28 23.47
CA PHE C 77 -12.89 28.88 22.60
C PHE C 77 -13.69 27.74 23.23
N ASP D 12 -19.15 -26.54 22.00
CA ASP D 12 -17.81 -26.00 22.20
C ASP D 12 -17.67 -24.67 21.47
N PRO D 13 -17.96 -23.56 22.17
CA PRO D 13 -17.95 -22.25 21.49
C PRO D 13 -16.56 -21.78 21.13
N VAL D 14 -15.58 -21.96 22.02
CA VAL D 14 -14.20 -21.63 21.69
C VAL D 14 -13.76 -22.35 20.43
N LEU D 15 -14.16 -23.61 20.28
CA LEU D 15 -13.84 -24.37 19.07
C LEU D 15 -14.53 -23.75 17.85
N ALA D 16 -15.72 -23.21 18.03
CA ALA D 16 -16.39 -22.52 16.93
C ALA D 16 -15.62 -21.29 16.50
N GLU D 17 -15.06 -20.54 17.47
CA GLU D 17 -14.19 -19.43 17.13
C GLU D 17 -12.95 -19.90 16.38
N THR D 18 -12.34 -21.01 16.84
CA THR D 18 -11.22 -21.60 16.10
C THR D 18 -11.59 -21.84 14.65
N MSE D 19 -12.72 -22.49 14.43
CA MSE D 19 -13.19 -22.83 13.09
C MSE D 19 -13.40 -21.59 12.23
O MSE D 19 -12.97 -21.55 11.07
CB MSE D 19 -14.49 -23.63 13.18
CG MSE D 19 -14.64 -24.68 12.10
SE MSE D 19 -13.87 -26.39 12.63
CE MSE D 19 -15.19 -26.90 13.97
N LYS D 20 -14.04 -20.58 12.82
CA LYS D 20 -14.28 -19.34 12.08
C LYS D 20 -12.99 -18.58 11.78
N ASN D 21 -11.92 -18.85 12.52
CA ASN D 21 -10.63 -18.20 12.29
C ASN D 21 -9.66 -19.07 11.50
N GLU D 22 -10.13 -20.13 10.86
CA GLU D 22 -9.27 -21.08 10.15
C GLU D 22 -9.55 -21.06 8.66
N ARG D 23 -8.49 -20.96 7.86
CA ARG D 23 -8.57 -21.16 6.42
C ARG D 23 -7.98 -22.52 6.06
N VAL D 24 -8.25 -22.94 4.83
CA VAL D 24 -7.78 -24.23 4.31
C VAL D 24 -6.81 -23.97 3.17
N VAL D 25 -5.56 -24.38 3.35
CA VAL D 25 -4.56 -24.17 2.31
C VAL D 25 -4.73 -25.18 1.18
N GLN D 26 -5.15 -26.40 1.50
CA GLN D 26 -5.32 -27.44 0.49
C GLN D 26 -6.41 -28.40 0.95
N ASP D 27 -7.52 -28.45 0.21
CA ASP D 27 -8.46 -29.52 0.44
C ASP D 27 -7.93 -30.81 -0.19
N HIS D 28 -8.60 -31.93 0.10
CA HIS D 28 -8.03 -33.23 -0.20
C HIS D 28 -7.86 -33.50 -1.68
N ASN D 29 -8.63 -32.82 -2.54
CA ASN D 29 -8.37 -32.94 -3.98
C ASN D 29 -7.13 -32.14 -4.36
N SER D 30 -6.99 -30.93 -3.80
CA SER D 30 -5.79 -30.14 -4.02
C SER D 30 -4.56 -30.85 -3.47
N ALA D 31 -4.73 -31.67 -2.44
CA ALA D 31 -3.59 -32.38 -1.85
C ALA D 31 -3.00 -33.40 -2.80
N LEU D 32 -3.79 -33.86 -3.78
CA LEU D 32 -3.40 -35.01 -4.59
C LEU D 32 -2.23 -34.68 -5.51
N ARG D 33 -2.26 -33.51 -6.17
CA ARG D 33 -1.44 -33.26 -7.34
C ARG D 33 0.05 -33.44 -7.08
N GLY D 34 0.53 -33.08 -5.88
CA GLY D 34 1.92 -33.36 -5.56
C GLY D 34 2.83 -32.13 -5.47
N ALA D 35 4.12 -32.33 -5.71
CA ALA D 35 5.10 -31.26 -5.49
C ALA D 35 5.11 -30.25 -6.63
N ARG D 36 4.87 -30.68 -7.85
CA ARG D 36 4.88 -29.82 -9.03
C ARG D 36 3.62 -30.08 -9.83
N PRO D 37 3.28 -29.17 -10.76
CA PRO D 37 2.12 -29.41 -11.62
C PRO D 37 2.49 -29.75 -13.05
N ILE D 38 2.05 -30.90 -13.53
CA ILE D 38 2.22 -31.28 -14.93
C ILE D 38 0.92 -30.99 -15.64
N ASN D 39 1.03 -30.59 -16.91
CA ASN D 39 -0.13 -30.12 -17.67
C ASN D 39 -1.24 -31.17 -17.68
N PHE D 40 -0.96 -32.34 -18.27
CA PHE D 40 -1.90 -33.45 -18.45
C PHE D 40 -3.19 -33.05 -19.16
N GLY D 41 -3.23 -31.87 -19.79
CA GLY D 41 -4.42 -31.48 -20.53
C GLY D 41 -4.60 -32.24 -21.82
N TYR D 42 -3.51 -32.76 -22.37
CA TYR D 42 -3.58 -33.62 -23.55
C TYR D 42 -4.04 -35.03 -23.20
N LEU D 43 -3.93 -35.43 -21.94
CA LEU D 43 -4.15 -36.83 -21.57
C LEU D 43 -5.58 -37.28 -21.87
N ILE D 44 -6.55 -36.39 -21.67
CA ILE D 44 -7.94 -36.74 -21.99
C ILE D 44 -8.06 -37.08 -23.47
N LYS D 45 -7.56 -36.21 -24.34
CA LYS D 45 -7.67 -36.41 -25.78
C LYS D 45 -6.99 -37.72 -26.20
N ASP D 46 -5.71 -37.88 -25.84
CA ASP D 46 -4.95 -39.05 -26.28
C ASP D 46 -5.54 -40.33 -25.71
N ALA D 47 -5.92 -40.33 -24.44
CA ALA D 47 -6.48 -41.53 -23.81
C ALA D 47 -7.79 -41.91 -24.45
N GLU D 48 -8.71 -40.95 -24.60
CA GLU D 48 -9.98 -41.24 -25.26
C GLU D 48 -9.78 -41.78 -26.66
N LEU D 49 -8.87 -41.17 -27.43
CA LEU D 49 -8.61 -41.65 -28.78
C LEU D 49 -8.07 -43.07 -28.79
N LYS D 50 -7.01 -43.33 -28.02
CA LYS D 50 -6.37 -44.64 -28.05
C LYS D 50 -7.27 -45.74 -27.52
N LEU D 51 -8.11 -45.43 -26.52
CA LEU D 51 -8.98 -46.46 -25.95
C LEU D 51 -10.33 -46.57 -26.66
N VAL D 52 -10.67 -45.61 -27.53
CA VAL D 52 -11.79 -45.81 -28.43
C VAL D 52 -11.35 -46.50 -29.71
N GLN D 53 -10.05 -46.45 -30.04
CA GLN D 53 -9.53 -47.31 -31.11
C GLN D 53 -9.59 -48.78 -30.71
N SER D 54 -9.41 -49.08 -29.42
CA SER D 54 -9.57 -50.44 -28.93
C SER D 54 -11.04 -50.83 -28.78
N ILE D 55 -11.94 -49.85 -28.74
CA ILE D 55 -13.37 -50.11 -28.60
C ILE D 55 -13.91 -50.78 -29.87
#